data_6J8Y
#
_entry.id   6J8Y
#
_cell.length_a   52.937
_cell.length_b   136.190
_cell.length_c   154.043
_cell.angle_alpha   90.00
_cell.angle_beta   90.00
_cell.angle_gamma   90.00
#
_symmetry.space_group_name_H-M   'P 21 21 21'
#
loop_
_entity.id
_entity.type
_entity.pdbx_description
1 polymer 'Cell cycle checkpoint control protein RAD9A'
2 polymer 'Checkpoint protein HUS1'
3 polymer 'Cell cycle checkpoint protein RAD1'
4 polymer 'RAD9, HUS1, RAD1-interacting nuclear orphan protein 1'
5 water water
#
loop_
_entity_poly.entity_id
_entity_poly.type
_entity_poly.pdbx_seq_one_letter_code
_entity_poly.pdbx_strand_id
1 'polypeptide(L)'
;MKCLVTGGNVKVLGKAVHSLSRIGDELYLEPLEDGLSLRTVNSSRSAYACFLFAPLFFQQYQAATPGQDLLRCKILMKSF
LSVFRSLAMLEKTVEKCCISLNGRSSRLVVQLHCKFGVRKTHNLSFQDCESLQAVFDPASCPHMLRAPARVLGEAVLPFS
PALAEVTLGIGRGRRVILRSYHEEEADSTAKAMVTEMCLGEEDFQQLQAQEGVAITFCLKEFRGLLSFAESANLNLSIHF
DAPGRPAIFTIKDSLLDGHFVLATLSDTDS
;
A
2 'polypeptide(L)'
;MHHHHHHKFRAKIVDGACLNHFTRISNMIAKLAKTCTLRISPDKLNFILCDKLANGGVSMWCELEQENFFNEFQMEGVSA
ENNEIYLELTSENLSRALKTAQNARALKIKLTNKHFPCLTVSVELLSMSSSSRIVTHDIPIKVIPRKLWKDLQEPVVPDP
DVSIYLPVLKTMKSVVEKMKNISNHLVIEANLDGELNLKIETELVCVTTHFKDLGNPPLASESTHEDRNVEHMAEVHIDI
RKLLQFLAGQQVNPTKALCNIVNNKMVHFDLLHEDVSLQYFIPALS
;
B
3 'polypeptide(L)'
;MPLLTQQIQDEDDQYSLVASLDNVRNLSTILKAIHFREHATCFATKNGIKVTVENAKCVQANAFIQAGIFQEFKVQEESV
TFRINLTVLLDCLSIFGSSPMPGTLTALRMCYQGYGYPLMLFLEEGGVVTVCKINTQEPEETLDFDFCSTNVINKIILQS
EGLREAFSELDMTSEVLQITMSPDKPYFRLSTFGNAGSSHLDYPKDSDLMEAFHCNQTQVNRYKISLLKPSTKALVLSCK
VSIRTDNRGFLSLQYMIRNEDGQICFVEYYCCPDEEVPESES
;
C
4 'polypeptide(L)' SKPIDHSTITSWVSPDFDTA D
#
# COMPACT_ATOMS: atom_id res chain seq x y z
N MET A 1 -32.71 -18.65 14.73
CA MET A 1 -31.72 -19.20 13.81
C MET A 1 -30.36 -19.37 14.48
N LYS A 2 -29.76 -20.55 14.33
CA LYS A 2 -28.40 -20.78 14.81
C LYS A 2 -27.56 -21.47 13.74
N CYS A 3 -26.48 -20.83 13.33
CA CYS A 3 -25.54 -21.40 12.38
C CYS A 3 -24.17 -21.58 13.05
N LEU A 4 -23.57 -22.75 12.86
CA LEU A 4 -22.24 -23.01 13.41
C LEU A 4 -21.27 -23.39 12.31
N VAL A 5 -20.27 -22.56 12.09
CA VAL A 5 -19.26 -22.81 11.06
C VAL A 5 -17.90 -23.12 11.68
N THR A 6 -17.27 -24.19 11.23
CA THR A 6 -15.96 -24.59 11.74
C THR A 6 -15.00 -24.96 10.63
N GLY A 7 -13.75 -25.22 11.01
CA GLY A 7 -12.74 -25.65 10.07
C GLY A 7 -12.49 -24.62 9.00
N GLY A 8 -12.18 -25.09 7.79
CA GLY A 8 -11.88 -24.21 6.68
C GLY A 8 -13.08 -23.42 6.19
N ASN A 9 -14.28 -23.88 6.53
CA ASN A 9 -15.51 -23.25 6.06
C ASN A 9 -15.73 -21.84 6.60
N VAL A 10 -15.11 -21.52 7.73
CA VAL A 10 -15.24 -20.18 8.30
C VAL A 10 -14.58 -19.15 7.38
N LYS A 11 -13.52 -19.55 6.69
CA LYS A 11 -12.82 -18.63 5.80
C LYS A 11 -13.57 -18.44 4.49
N VAL A 12 -14.14 -19.52 3.94
CA VAL A 12 -14.86 -19.41 2.68
C VAL A 12 -16.15 -18.60 2.88
N LEU A 13 -16.72 -18.67 4.08
CA LEU A 13 -17.87 -17.84 4.42
C LEU A 13 -17.44 -16.37 4.41
N GLY A 14 -16.29 -16.10 5.00
CA GLY A 14 -15.72 -14.77 5.00
C GLY A 14 -15.42 -14.29 3.59
N LYS A 15 -14.89 -15.19 2.76
CA LYS A 15 -14.63 -14.88 1.35
C LYS A 15 -15.91 -14.52 0.62
N ALA A 16 -16.99 -15.22 0.94
CA ALA A 16 -18.28 -14.98 0.31
C ALA A 16 -18.79 -13.57 0.64
N VAL A 17 -18.60 -13.16 1.88
CA VAL A 17 -19.03 -11.84 2.31
C VAL A 17 -18.21 -10.75 1.62
N HIS A 18 -16.90 -10.98 1.50
CA HIS A 18 -16.03 -10.06 0.76
C HIS A 18 -16.51 -9.92 -0.67
N SER A 19 -16.82 -11.05 -1.30
CA SER A 19 -17.30 -11.08 -2.67
C SER A 19 -18.61 -10.31 -2.82
N LEU A 20 -19.51 -10.49 -1.86
CA LEU A 20 -20.80 -9.81 -1.88
C LEU A 20 -20.65 -8.31 -1.64
N SER A 21 -19.67 -7.93 -0.83
CA SER A 21 -19.47 -6.53 -0.45
C SER A 21 -19.00 -5.67 -1.62
N ARG A 22 -18.63 -6.32 -2.72
CA ARG A 22 -18.19 -5.61 -3.91
C ARG A 22 -19.33 -5.47 -4.91
N ILE A 23 -20.55 -5.74 -4.44
CA ILE A 23 -21.75 -5.63 -5.28
C ILE A 23 -22.76 -4.64 -4.71
N GLY A 24 -23.13 -4.82 -3.45
CA GLY A 24 -24.14 -3.99 -2.83
C GLY A 24 -23.76 -3.46 -1.46
N ASP A 25 -24.55 -2.52 -0.95
CA ASP A 25 -24.25 -1.86 0.32
C ASP A 25 -25.02 -2.47 1.48
N GLU A 26 -25.89 -3.44 1.19
CA GLU A 26 -26.68 -4.09 2.23
C GLU A 26 -26.73 -5.60 2.03
N LEU A 27 -26.54 -6.34 3.11
CA LEU A 27 -26.56 -7.79 3.06
C LEU A 27 -27.91 -8.34 3.51
N TYR A 28 -28.51 -9.19 2.67
CA TYR A 28 -29.79 -9.80 2.99
C TYR A 28 -29.60 -11.25 3.45
N LEU A 29 -30.00 -11.54 4.68
CA LEU A 29 -29.88 -12.89 5.22
C LEU A 29 -31.23 -13.59 5.26
N GLU A 30 -31.27 -14.81 4.74
CA GLU A 30 -32.51 -15.59 4.74
C GLU A 30 -32.23 -17.07 4.98
N PRO A 31 -32.40 -17.51 6.24
CA PRO A 31 -32.26 -18.93 6.57
C PRO A 31 -33.41 -19.76 5.99
N LEU A 32 -33.06 -20.67 5.06
CA LEU A 32 -34.06 -21.50 4.39
C LEU A 32 -33.87 -22.96 4.78
N GLU A 33 -34.80 -23.82 4.35
CA GLU A 33 -34.71 -25.25 4.64
C GLU A 33 -33.53 -25.86 3.91
N ASP A 34 -33.20 -25.32 2.74
CA ASP A 34 -32.07 -25.81 1.96
C ASP A 34 -30.82 -24.98 2.25
N GLY A 35 -30.81 -24.30 3.38
CA GLY A 35 -29.61 -23.63 3.85
C GLY A 35 -29.70 -22.12 4.00
N LEU A 36 -28.57 -21.51 4.33
CA LEU A 36 -28.48 -20.07 4.57
C LEU A 36 -28.25 -19.30 3.29
N SER A 37 -29.15 -18.35 3.01
CA SER A 37 -29.03 -17.51 1.83
C SER A 37 -28.46 -16.14 2.18
N LEU A 38 -27.36 -15.78 1.54
CA LEU A 38 -26.80 -14.44 1.65
C LEU A 38 -26.90 -13.74 0.31
N ARG A 39 -27.66 -12.65 0.26
CA ARG A 39 -27.89 -11.94 -0.99
C ARG A 39 -27.59 -10.46 -0.87
N THR A 40 -27.32 -9.83 -2.01
CA THR A 40 -27.21 -8.39 -2.08
C THR A 40 -27.60 -7.91 -3.47
N VAL A 41 -27.83 -6.61 -3.60
CA VAL A 41 -28.29 -6.06 -4.86
C VAL A 41 -27.52 -4.78 -5.19
N ASN A 42 -27.48 -4.45 -6.48
CA ASN A 42 -26.87 -3.22 -6.96
C ASN A 42 -27.54 -1.99 -6.37
N SER A 43 -26.87 -0.85 -6.47
CA SER A 43 -27.48 0.41 -6.05
C SER A 43 -28.61 0.76 -7.01
N SER A 44 -28.51 0.27 -8.25
CA SER A 44 -29.53 0.51 -9.25
C SER A 44 -30.34 -0.75 -9.57
N ARG A 45 -30.06 -1.81 -8.81
CA ARG A 45 -30.69 -3.11 -9.00
C ARG A 45 -30.49 -3.63 -10.43
N SER A 46 -29.29 -3.43 -10.95
CA SER A 46 -28.89 -3.97 -12.25
C SER A 46 -27.87 -5.09 -12.04
N ALA A 47 -27.61 -5.40 -10.78
CA ALA A 47 -26.75 -6.52 -10.40
C ALA A 47 -27.36 -7.22 -9.19
N TYR A 48 -27.33 -8.55 -9.23
CA TYR A 48 -27.94 -9.37 -8.18
C TYR A 48 -26.99 -10.51 -7.83
N ALA A 49 -26.71 -10.69 -6.53
CA ALA A 49 -25.75 -11.69 -6.10
C ALA A 49 -26.32 -12.55 -4.97
N CYS A 50 -26.01 -13.84 -5.02
CA CYS A 50 -26.53 -14.78 -4.03
C CYS A 50 -25.57 -15.91 -3.72
N PHE A 51 -25.30 -16.12 -2.43
CA PHE A 51 -24.60 -17.30 -1.97
C PHE A 51 -25.56 -18.14 -1.14
N LEU A 52 -25.65 -19.43 -1.45
CA LEU A 52 -26.48 -20.35 -0.69
C LEU A 52 -25.61 -21.40 -0.02
N PHE A 53 -25.60 -21.39 1.31
CA PHE A 53 -24.80 -22.35 2.06
C PHE A 53 -25.68 -23.51 2.53
N ALA A 54 -25.39 -24.70 2.03
CA ALA A 54 -26.15 -25.91 2.38
C ALA A 54 -26.15 -26.13 3.88
N PRO A 55 -27.20 -26.80 4.41
CA PRO A 55 -27.24 -27.11 5.84
C PRO A 55 -25.98 -27.84 6.31
N LEU A 56 -25.44 -28.72 5.47
CA LEU A 56 -24.27 -29.50 5.82
C LEU A 56 -22.96 -28.73 5.64
N PHE A 57 -23.06 -27.48 5.19
CA PHE A 57 -21.92 -26.58 5.20
C PHE A 57 -21.60 -26.22 6.64
N PHE A 58 -22.63 -26.24 7.48
CA PHE A 58 -22.50 -25.91 8.90
C PHE A 58 -22.37 -27.17 9.76
N GLN A 59 -21.61 -27.07 10.84
CA GLN A 59 -21.55 -28.14 11.83
C GLN A 59 -22.88 -28.19 12.59
N GLN A 60 -23.54 -27.04 12.64
CA GLN A 60 -24.90 -26.98 13.17
C GLN A 60 -25.72 -25.93 12.44
N TYR A 61 -26.91 -26.31 12.00
CA TYR A 61 -27.79 -25.39 11.28
C TYR A 61 -29.25 -25.55 11.66
N GLN A 62 -29.82 -24.48 12.22
CA GLN A 62 -31.24 -24.44 12.55
C GLN A 62 -31.85 -23.19 11.92
N ALA A 63 -32.69 -23.39 10.91
CA ALA A 63 -33.27 -22.27 10.16
C ALA A 63 -34.29 -21.49 10.99
N ALA A 64 -35.04 -22.21 11.82
CA ALA A 64 -36.16 -21.61 12.54
C ALA A 64 -35.78 -21.06 13.91
N THR A 65 -36.49 -20.03 14.33
CA THR A 65 -36.32 -19.45 15.66
C THR A 65 -37.57 -19.72 16.50
N PRO A 66 -37.52 -20.75 17.35
CA PRO A 66 -38.65 -21.16 18.20
C PRO A 66 -39.17 -20.03 19.09
N ASP A 69 -40.57 -16.68 14.68
CA ASP A 69 -40.97 -16.97 13.31
C ASP A 69 -39.77 -17.32 12.43
N LEU A 70 -39.78 -16.85 11.19
CA LEU A 70 -38.73 -17.16 10.23
C LEU A 70 -38.01 -15.90 9.78
N LEU A 71 -36.70 -15.85 10.02
CA LEU A 71 -35.90 -14.64 9.78
C LEU A 71 -35.79 -14.26 8.32
N ARG A 72 -36.17 -13.04 8.01
CA ARG A 72 -35.98 -12.46 6.68
C ARG A 72 -35.44 -11.05 6.88
N CYS A 73 -34.13 -10.91 6.77
CA CYS A 73 -33.41 -9.82 7.41
C CYS A 73 -32.39 -9.11 6.52
N LYS A 74 -32.09 -7.85 6.88
CA LYS A 74 -31.08 -7.08 6.17
C LYS A 74 -30.12 -6.39 7.13
N ILE A 75 -28.83 -6.40 6.78
CA ILE A 75 -27.79 -5.78 7.58
C ILE A 75 -26.91 -4.90 6.69
N LEU A 76 -26.45 -3.79 7.23
CA LEU A 76 -25.49 -2.95 6.53
C LEU A 76 -24.26 -3.78 6.19
N MET A 77 -23.89 -3.81 4.90
CA MET A 77 -22.82 -4.68 4.41
C MET A 77 -21.50 -4.43 5.12
N LYS A 78 -21.19 -3.15 5.32
CA LYS A 78 -20.01 -2.70 6.05
C LYS A 78 -19.90 -3.36 7.42
N SER A 79 -21.01 -3.33 8.16
CA SER A 79 -21.06 -3.85 9.51
C SER A 79 -20.84 -5.36 9.56
N PHE A 80 -21.40 -6.07 8.59
CA PHE A 80 -21.24 -7.52 8.54
C PHE A 80 -19.87 -7.90 7.99
N LEU A 81 -19.39 -7.12 7.03
CA LEU A 81 -18.05 -7.31 6.49
C LEU A 81 -17.01 -7.03 7.57
N SER A 82 -17.37 -6.18 8.52
CA SER A 82 -16.49 -5.80 9.61
C SER A 82 -16.06 -7.01 10.45
N VAL A 83 -16.96 -7.98 10.59
CA VAL A 83 -16.67 -9.19 11.35
C VAL A 83 -15.63 -10.06 10.65
N PHE A 84 -15.70 -10.13 9.32
CA PHE A 84 -14.82 -11.00 8.54
C PHE A 84 -13.78 -10.22 7.74
N ARG A 85 -13.46 -9.02 8.21
CA ARG A 85 -12.52 -8.13 7.53
C ARG A 85 -11.20 -8.79 7.15
N SER A 86 -10.56 -9.43 8.11
CA SER A 86 -9.26 -10.04 7.89
C SER A 86 -9.37 -11.55 7.70
N LEU A 87 -9.24 -12.00 6.46
CA LEU A 87 -9.28 -13.41 6.14
C LEU A 87 -8.10 -14.14 6.78
N ALA A 88 -7.03 -13.40 7.04
CA ALA A 88 -5.84 -13.95 7.67
C ALA A 88 -6.11 -14.28 9.14
N MET A 89 -6.83 -13.39 9.82
CA MET A 89 -7.21 -13.62 11.21
C MET A 89 -8.19 -14.79 11.31
N LEU A 90 -9.10 -14.88 10.36
CA LEU A 90 -10.06 -15.97 10.31
C LEU A 90 -9.38 -17.33 10.20
N GLU A 91 -8.37 -17.41 9.35
CA GLU A 91 -7.68 -18.67 9.12
C GLU A 91 -6.73 -19.04 10.26
N LYS A 92 -6.03 -18.04 10.78
CA LYS A 92 -5.00 -18.29 11.78
C LYS A 92 -5.55 -18.44 13.20
N THR A 93 -6.51 -17.60 13.57
CA THR A 93 -6.97 -17.57 14.96
C THR A 93 -8.40 -18.08 15.16
N VAL A 94 -9.27 -17.89 14.17
CA VAL A 94 -10.68 -18.28 14.33
C VAL A 94 -10.90 -19.77 14.06
N GLU A 95 -11.47 -20.46 15.04
CA GLU A 95 -11.72 -21.89 14.93
C GLU A 95 -13.20 -22.18 14.63
N LYS A 96 -14.09 -21.39 15.23
CA LYS A 96 -15.52 -21.55 15.01
C LYS A 96 -16.22 -20.20 14.89
N CYS A 97 -17.27 -20.16 14.09
CA CYS A 97 -18.09 -18.96 13.96
C CYS A 97 -19.55 -19.30 14.17
N CYS A 98 -20.18 -18.63 15.14
CA CYS A 98 -21.59 -18.89 15.45
C CYS A 98 -22.45 -17.67 15.12
N ILE A 99 -23.43 -17.86 14.25
CA ILE A 99 -24.38 -16.82 13.92
C ILE A 99 -25.73 -17.15 14.54
N SER A 100 -26.13 -16.36 15.54
CA SER A 100 -27.33 -16.65 16.32
C SER A 100 -28.29 -15.46 16.37
N LEU A 101 -29.46 -15.68 16.94
CA LEU A 101 -30.46 -14.63 17.07
C LEU A 101 -31.01 -14.57 18.48
N SER A 105 -34.78 -11.50 21.41
CA SER A 105 -33.62 -10.72 20.98
C SER A 105 -33.98 -9.77 19.86
N SER A 106 -33.08 -8.82 19.58
CA SER A 106 -33.31 -7.83 18.52
C SER A 106 -32.02 -7.56 17.76
N ARG A 107 -30.96 -8.25 18.15
CA ARG A 107 -29.66 -8.09 17.53
C ARG A 107 -29.20 -9.42 16.94
N LEU A 108 -28.45 -9.36 15.85
CA LEU A 108 -27.87 -10.58 15.30
C LEU A 108 -26.47 -10.78 15.89
N VAL A 109 -26.31 -11.88 16.62
CA VAL A 109 -25.08 -12.12 17.36
C VAL A 109 -24.11 -13.01 16.58
N VAL A 110 -22.92 -12.48 16.31
CA VAL A 110 -21.88 -13.25 15.66
C VAL A 110 -20.72 -13.48 16.61
N GLN A 111 -20.51 -14.73 17.00
CA GLN A 111 -19.40 -15.08 17.88
C GLN A 111 -18.26 -15.76 17.12
N LEU A 112 -17.04 -15.27 17.36
CA LEU A 112 -15.86 -15.93 16.84
C LEU A 112 -15.13 -16.63 17.98
N HIS A 113 -15.12 -17.96 17.94
CA HIS A 113 -14.38 -18.75 18.92
C HIS A 113 -12.95 -18.91 18.45
N CYS A 114 -12.03 -18.23 19.13
CA CYS A 114 -10.64 -18.14 18.66
C CYS A 114 -9.69 -18.95 19.54
N LYS A 115 -8.44 -19.02 19.09
CA LYS A 115 -7.40 -19.76 19.80
C LYS A 115 -7.14 -19.21 21.20
N PHE A 116 -6.60 -20.07 22.07
CA PHE A 116 -6.27 -19.71 23.45
C PHE A 116 -7.49 -19.24 24.24
N GLY A 117 -8.67 -19.74 23.86
CA GLY A 117 -9.90 -19.43 24.57
C GLY A 117 -10.44 -18.04 24.35
N VAL A 118 -9.83 -17.30 23.42
CA VAL A 118 -10.28 -15.95 23.10
C VAL A 118 -11.61 -15.99 22.36
N ARG A 119 -12.54 -15.13 22.76
CA ARG A 119 -13.87 -15.09 22.15
C ARG A 119 -14.25 -13.66 21.75
N LYS A 120 -14.56 -13.47 20.48
CA LYS A 120 -14.97 -12.16 19.99
C LYS A 120 -16.45 -12.16 19.63
N THR A 121 -17.21 -11.23 20.22
CA THR A 121 -18.65 -11.18 20.03
C THR A 121 -19.07 -9.87 19.34
N HIS A 122 -19.79 -10.01 18.24
CA HIS A 122 -20.33 -8.85 17.54
C HIS A 122 -21.85 -8.82 17.63
N ASN A 123 -22.40 -7.75 18.17
CA ASN A 123 -23.84 -7.57 18.23
C ASN A 123 -24.32 -6.63 17.13
N LEU A 124 -24.75 -7.21 16.02
CA LEU A 124 -25.12 -6.44 14.84
C LEU A 124 -26.61 -6.12 14.82
N SER A 125 -26.93 -4.86 14.57
CA SER A 125 -28.32 -4.47 14.39
C SER A 125 -28.81 -4.90 13.02
N PHE A 126 -30.10 -5.21 12.92
CA PHE A 126 -30.68 -5.61 11.64
C PHE A 126 -32.09 -5.08 11.48
N GLN A 127 -32.61 -5.17 10.27
CA GLN A 127 -33.97 -4.73 9.98
C GLN A 127 -34.76 -5.82 9.29
N ASP A 128 -35.96 -6.10 9.78
CA ASP A 128 -36.87 -7.02 9.13
C ASP A 128 -37.26 -6.46 7.76
N CYS A 129 -37.10 -7.27 6.72
CA CYS A 129 -37.39 -6.79 5.38
C CYS A 129 -37.94 -7.90 4.48
N GLU A 130 -38.00 -7.61 3.18
CA GLU A 130 -38.56 -8.53 2.21
C GLU A 130 -37.52 -9.50 1.70
N SER A 131 -37.98 -10.61 1.13
CA SER A 131 -37.10 -11.59 0.52
C SER A 131 -36.48 -11.00 -0.74
N LEU A 132 -35.27 -11.46 -1.06
CA LEU A 132 -34.59 -10.99 -2.26
C LEU A 132 -34.54 -12.09 -3.31
N GLN A 133 -35.32 -13.15 -3.08
CA GLN A 133 -35.41 -14.26 -4.03
C GLN A 133 -35.94 -13.81 -5.38
N ALA A 134 -35.26 -14.21 -6.45
CA ALA A 134 -35.72 -13.93 -7.80
C ALA A 134 -35.23 -15.02 -8.74
N VAL A 135 -36.10 -15.50 -9.61
CA VAL A 135 -35.75 -16.60 -10.50
C VAL A 135 -34.83 -16.09 -11.63
N PHE A 136 -33.76 -16.83 -11.87
CA PHE A 136 -32.83 -16.56 -12.95
C PHE A 136 -32.22 -17.89 -13.41
N ASP A 137 -32.93 -18.58 -14.30
CA ASP A 137 -32.51 -19.90 -14.74
C ASP A 137 -31.48 -19.81 -15.86
N PRO A 138 -30.28 -20.37 -15.61
CA PRO A 138 -29.21 -20.42 -16.63
C PRO A 138 -29.62 -21.24 -17.86
N ALA A 139 -30.49 -22.23 -17.65
CA ALA A 139 -30.93 -23.11 -18.73
C ALA A 139 -31.72 -22.36 -19.80
N SER A 140 -32.24 -21.19 -19.45
CA SER A 140 -32.96 -20.36 -20.41
C SER A 140 -32.00 -19.65 -21.35
N CYS A 141 -30.76 -19.48 -20.90
CA CYS A 141 -29.72 -18.83 -21.70
C CYS A 141 -29.20 -19.75 -22.79
N PRO A 142 -29.25 -19.29 -24.05
CA PRO A 142 -28.79 -20.07 -25.21
C PRO A 142 -27.26 -20.22 -25.25
N HIS A 143 -26.55 -19.20 -24.79
CA HIS A 143 -25.10 -19.18 -24.89
C HIS A 143 -24.43 -19.44 -23.54
N MET A 144 -23.29 -20.11 -23.55
CA MET A 144 -22.68 -20.58 -22.32
C MET A 144 -21.16 -20.77 -22.40
N LEU A 145 -20.45 -20.31 -21.37
CA LEU A 145 -19.02 -20.53 -21.23
C LEU A 145 -18.71 -21.17 -19.88
N ARG A 146 -17.67 -21.99 -19.82
CA ARG A 146 -17.14 -22.44 -18.53
C ARG A 146 -15.62 -22.57 -18.60
N ALA A 147 -14.96 -22.06 -17.57
CA ALA A 147 -13.50 -22.09 -17.50
C ALA A 147 -13.06 -21.98 -16.05
N PRO A 148 -11.85 -22.48 -15.74
CA PRO A 148 -11.27 -22.27 -14.41
C PRO A 148 -11.21 -20.79 -14.09
N ALA A 149 -11.58 -20.41 -12.86
CA ALA A 149 -11.60 -19.01 -12.46
C ALA A 149 -10.23 -18.36 -12.62
N ARG A 150 -9.18 -19.15 -12.49
CA ARG A 150 -7.82 -18.65 -12.61
C ARG A 150 -7.50 -18.29 -14.05
N VAL A 151 -8.12 -18.98 -15.00
CA VAL A 151 -7.99 -18.64 -16.41
C VAL A 151 -8.61 -17.27 -16.69
N LEU A 152 -9.81 -17.07 -16.16
CA LEU A 152 -10.51 -15.80 -16.34
C LEU A 152 -9.84 -14.68 -15.58
N GLY A 153 -9.24 -15.02 -14.43
CA GLY A 153 -8.50 -14.04 -13.65
C GLY A 153 -7.30 -13.53 -14.41
N GLU A 154 -6.66 -14.43 -15.16
CA GLU A 154 -5.53 -14.06 -15.99
C GLU A 154 -5.98 -13.16 -17.15
N ALA A 155 -7.14 -13.47 -17.71
CA ALA A 155 -7.67 -12.75 -18.86
C ALA A 155 -8.04 -11.30 -18.51
N VAL A 156 -8.37 -11.06 -17.25
CA VAL A 156 -8.84 -9.75 -16.80
C VAL A 156 -7.66 -8.90 -16.30
N LEU A 157 -6.56 -9.58 -15.98
CA LEU A 157 -5.35 -8.92 -15.47
C LEU A 157 -4.84 -7.72 -16.31
N PRO A 158 -4.86 -7.82 -17.67
CA PRO A 158 -4.34 -6.68 -18.43
C PRO A 158 -5.13 -5.38 -18.33
N PHE A 159 -6.41 -5.47 -17.97
CA PHE A 159 -7.27 -4.28 -17.93
C PHE A 159 -6.92 -3.36 -16.76
N SER A 160 -7.27 -2.09 -16.90
CA SER A 160 -7.12 -1.13 -15.81
C SER A 160 -8.02 -1.51 -14.64
N PRO A 161 -7.52 -1.35 -13.41
CA PRO A 161 -8.30 -1.65 -12.21
C PRO A 161 -9.52 -0.76 -12.08
N ALA A 162 -9.51 0.38 -12.77
CA ALA A 162 -10.61 1.34 -12.71
C ALA A 162 -11.57 1.19 -13.88
N LEU A 163 -11.33 0.19 -14.72
CA LEU A 163 -12.19 -0.05 -15.88
C LEU A 163 -13.58 -0.50 -15.44
N ALA A 164 -14.60 0.21 -15.89
CA ALA A 164 -15.97 -0.04 -15.46
C ALA A 164 -16.62 -1.18 -16.23
N GLU A 165 -16.60 -1.10 -17.56
CA GLU A 165 -17.28 -2.07 -18.40
C GLU A 165 -16.30 -2.94 -19.20
N VAL A 166 -16.69 -4.19 -19.43
CA VAL A 166 -15.91 -5.09 -20.27
C VAL A 166 -16.85 -5.79 -21.25
N THR A 167 -16.34 -6.08 -22.45
CA THR A 167 -17.12 -6.78 -23.45
C THR A 167 -16.63 -8.21 -23.64
N LEU A 168 -17.53 -9.17 -23.48
CA LEU A 168 -17.23 -10.57 -23.69
C LEU A 168 -17.81 -11.03 -25.03
N GLY A 169 -16.95 -11.40 -25.96
CA GLY A 169 -17.39 -11.75 -27.29
C GLY A 169 -16.91 -13.10 -27.79
N ILE A 170 -17.63 -13.65 -28.75
CA ILE A 170 -17.23 -14.90 -29.40
C ILE A 170 -16.75 -14.61 -30.82
N GLY A 171 -15.43 -14.70 -31.01
CA GLY A 171 -14.82 -14.35 -32.28
C GLY A 171 -14.48 -15.53 -33.16
N ARG A 172 -14.12 -15.26 -34.40
CA ARG A 172 -13.80 -16.29 -35.39
C ARG A 172 -12.74 -17.27 -34.88
N GLY A 173 -12.88 -18.53 -35.28
CA GLY A 173 -11.96 -19.57 -34.85
C GLY A 173 -12.24 -20.02 -33.42
N ARG A 174 -13.50 -19.94 -33.03
CA ARG A 174 -13.95 -20.30 -31.68
C ARG A 174 -13.04 -19.71 -30.59
N ARG A 175 -12.67 -18.45 -30.76
CA ARG A 175 -11.86 -17.76 -29.75
C ARG A 175 -12.71 -16.81 -28.94
N VAL A 176 -12.37 -16.66 -27.66
CA VAL A 176 -13.11 -15.78 -26.76
C VAL A 176 -12.40 -14.45 -26.56
N ILE A 177 -13.10 -13.36 -26.85
CA ILE A 177 -12.51 -12.02 -26.80
C ILE A 177 -12.95 -11.23 -25.56
N LEU A 178 -11.98 -10.68 -24.85
CA LEU A 178 -12.25 -9.75 -23.76
C LEU A 178 -11.76 -8.36 -24.15
N ARG A 179 -12.69 -7.43 -24.36
CA ARG A 179 -12.34 -6.08 -24.78
C ARG A 179 -12.90 -5.02 -23.85
N SER A 180 -12.07 -4.04 -23.50
CA SER A 180 -12.52 -2.92 -22.69
C SER A 180 -13.58 -2.11 -23.44
N TYR A 181 -14.55 -1.60 -22.70
CA TYR A 181 -15.62 -0.79 -23.30
C TYR A 181 -15.48 0.66 -22.84
N HIS A 182 -15.85 1.60 -23.70
CA HIS A 182 -15.69 3.01 -23.39
C HIS A 182 -16.84 3.87 -23.92
N GLU A 183 -17.36 4.75 -23.08
CA GLU A 183 -18.45 5.65 -23.44
C GLU A 183 -17.94 6.86 -24.21
N GLU A 184 -18.84 7.81 -24.44
CA GLU A 184 -18.53 9.08 -25.11
C GLU A 184 -17.77 8.88 -26.43
N THR A 189 -13.29 15.35 -24.77
CA THR A 189 -13.03 14.85 -26.11
C THR A 189 -11.58 14.38 -26.23
N ALA A 190 -11.24 13.32 -25.52
CA ALA A 190 -9.93 12.70 -25.60
C ALA A 190 -10.07 11.19 -25.56
N LYS A 191 -9.43 10.51 -26.50
CA LYS A 191 -9.71 9.09 -26.76
C LYS A 191 -9.04 8.16 -25.76
N ALA A 192 -9.68 7.02 -25.51
CA ALA A 192 -9.20 6.06 -24.53
C ALA A 192 -8.51 4.87 -25.19
N MET A 193 -7.44 4.40 -24.55
CA MET A 193 -6.75 3.21 -25.02
C MET A 193 -7.65 1.99 -24.85
N VAL A 194 -7.82 1.21 -25.91
CA VAL A 194 -8.61 0.00 -25.82
C VAL A 194 -7.69 -1.21 -25.63
N THR A 195 -8.07 -2.07 -24.68
CA THR A 195 -7.31 -3.28 -24.40
C THR A 195 -8.14 -4.49 -24.80
N GLU A 196 -7.52 -5.43 -25.49
CA GLU A 196 -8.22 -6.64 -25.91
C GLU A 196 -7.41 -7.89 -25.60
N MET A 197 -7.98 -8.78 -24.80
CA MET A 197 -7.39 -10.08 -24.54
C MET A 197 -8.07 -11.14 -25.41
N CYS A 198 -7.26 -11.89 -26.16
CA CYS A 198 -7.79 -12.94 -27.00
C CYS A 198 -7.43 -14.32 -26.44
N LEU A 199 -8.45 -15.11 -26.14
CA LEU A 199 -8.25 -16.46 -25.62
C LEU A 199 -8.67 -17.50 -26.65
N GLY A 200 -7.96 -18.61 -26.69
CA GLY A 200 -8.38 -19.75 -27.47
C GLY A 200 -9.30 -20.62 -26.65
N GLU A 201 -10.10 -21.46 -27.30
CA GLU A 201 -11.07 -22.30 -26.59
C GLU A 201 -10.34 -23.34 -25.74
N GLU A 202 -9.07 -23.54 -26.06
CA GLU A 202 -8.19 -24.47 -25.34
C GLU A 202 -8.31 -24.37 -23.82
N ASP A 203 -8.36 -23.14 -23.30
CA ASP A 203 -8.43 -22.92 -21.86
C ASP A 203 -9.85 -23.03 -21.32
N PHE A 204 -10.84 -23.10 -22.20
CA PHE A 204 -12.23 -23.22 -21.79
C PHE A 204 -12.67 -24.68 -21.76
N GLN A 205 -13.46 -25.03 -20.75
CA GLN A 205 -13.93 -26.40 -20.58
C GLN A 205 -15.18 -26.66 -21.40
N GLN A 206 -15.94 -25.59 -21.66
CA GLN A 206 -17.12 -25.68 -22.52
C GLN A 206 -17.37 -24.33 -23.18
N LEU A 207 -17.76 -24.37 -24.45
CA LEU A 207 -18.07 -23.16 -25.19
C LEU A 207 -19.24 -23.41 -26.13
N GLN A 208 -20.43 -22.95 -25.74
CA GLN A 208 -21.59 -23.04 -26.62
C GLN A 208 -22.14 -21.66 -26.92
N ALA A 209 -21.64 -21.05 -27.99
CA ALA A 209 -22.11 -19.75 -28.43
C ALA A 209 -21.74 -19.52 -29.90
N GLN A 210 -22.67 -18.97 -30.66
CA GLN A 210 -22.41 -18.70 -32.07
C GLN A 210 -21.49 -17.49 -32.23
N GLU A 211 -21.14 -17.20 -33.48
CA GLU A 211 -20.20 -16.13 -33.79
C GLU A 211 -20.82 -14.74 -33.66
N GLY A 212 -19.99 -13.75 -33.36
CA GLY A 212 -20.44 -12.37 -33.32
C GLY A 212 -21.22 -12.01 -32.06
N VAL A 213 -21.50 -13.00 -31.23
CA VAL A 213 -22.22 -12.76 -29.99
C VAL A 213 -21.33 -12.04 -29.00
N ALA A 214 -21.78 -10.89 -28.53
CA ALA A 214 -21.00 -10.09 -27.59
C ALA A 214 -21.88 -9.41 -26.56
N ILE A 215 -21.51 -9.54 -25.29
CA ILE A 215 -22.22 -8.87 -24.21
C ILE A 215 -21.29 -7.93 -23.45
N THR A 216 -21.82 -6.80 -23.03
CA THR A 216 -21.04 -5.83 -22.26
C THR A 216 -21.63 -5.69 -20.86
N PHE A 217 -20.79 -5.85 -19.83
CA PHE A 217 -21.27 -5.77 -18.46
C PHE A 217 -20.22 -5.14 -17.54
N CYS A 218 -20.60 -4.92 -16.29
CA CYS A 218 -19.75 -4.26 -15.31
C CYS A 218 -18.60 -5.17 -14.87
N LEU A 219 -17.37 -4.73 -15.13
CA LEU A 219 -16.18 -5.51 -14.78
C LEU A 219 -15.93 -5.55 -13.28
N LYS A 220 -16.20 -4.43 -12.61
CA LYS A 220 -16.01 -4.31 -11.17
C LYS A 220 -16.79 -5.37 -10.40
N GLU A 221 -18.03 -5.60 -10.82
CA GLU A 221 -18.88 -6.58 -10.17
C GLU A 221 -18.47 -8.00 -10.54
N PHE A 222 -18.09 -8.19 -11.80
CA PHE A 222 -17.59 -9.48 -12.27
C PHE A 222 -16.35 -9.90 -11.49
N ARG A 223 -15.46 -8.95 -11.23
CA ARG A 223 -14.28 -9.19 -10.41
C ARG A 223 -14.68 -9.67 -9.01
N GLY A 224 -15.79 -9.16 -8.50
CA GLY A 224 -16.30 -9.51 -7.19
C GLY A 224 -16.55 -11.00 -7.04
N LEU A 225 -17.27 -11.59 -7.99
CA LEU A 225 -17.54 -13.03 -7.95
C LEU A 225 -16.29 -13.84 -8.30
N LEU A 226 -15.56 -13.39 -9.31
CA LEU A 226 -14.39 -14.11 -9.79
C LEU A 226 -13.36 -14.31 -8.69
N SER A 227 -13.19 -13.29 -7.84
CA SER A 227 -12.20 -13.35 -6.76
C SER A 227 -12.51 -14.47 -5.77
N PHE A 228 -13.79 -14.75 -5.56
CA PHE A 228 -14.18 -15.84 -4.67
C PHE A 228 -13.88 -17.19 -5.31
N ALA A 229 -14.14 -17.30 -6.60
CA ALA A 229 -13.94 -18.56 -7.31
C ALA A 229 -12.45 -18.84 -7.53
N GLU A 230 -11.64 -17.79 -7.51
CA GLU A 230 -10.20 -17.94 -7.70
C GLU A 230 -9.52 -18.50 -6.46
N SER A 231 -9.83 -17.93 -5.29
CA SER A 231 -9.23 -18.36 -4.04
C SER A 231 -9.78 -19.71 -3.57
N ALA A 232 -10.71 -20.25 -4.33
CA ALA A 232 -11.27 -21.56 -4.04
C ALA A 232 -10.95 -22.54 -5.18
N ASN A 233 -10.30 -22.00 -6.22
CA ASN A 233 -9.96 -22.76 -7.43
C ASN A 233 -11.16 -23.50 -8.00
N LEU A 234 -12.28 -22.77 -8.15
CA LEU A 234 -13.49 -23.34 -8.70
C LEU A 234 -13.65 -22.96 -10.16
N ASN A 235 -14.57 -23.61 -10.85
CA ASN A 235 -14.91 -23.24 -12.21
C ASN A 235 -15.99 -22.18 -12.23
N LEU A 236 -15.91 -21.26 -13.18
CA LEU A 236 -16.93 -20.24 -13.33
C LEU A 236 -17.68 -20.41 -14.64
N SER A 237 -19.00 -20.48 -14.56
CA SER A 237 -19.82 -20.60 -15.75
C SER A 237 -20.49 -19.27 -16.06
N ILE A 238 -20.48 -18.90 -17.34
CA ILE A 238 -21.16 -17.69 -17.78
C ILE A 238 -22.28 -18.05 -18.73
N HIS A 239 -23.51 -17.73 -18.33
CA HIS A 239 -24.67 -17.97 -19.17
C HIS A 239 -25.23 -16.65 -19.65
N PHE A 240 -25.41 -16.50 -20.96
CA PHE A 240 -25.94 -15.26 -21.50
C PHE A 240 -26.78 -15.49 -22.75
N ASP A 241 -27.28 -14.38 -23.30
CA ASP A 241 -28.26 -14.44 -24.39
C ASP A 241 -27.89 -13.43 -25.46
N ALA A 242 -28.63 -12.33 -25.50
CA ALA A 242 -28.36 -11.24 -26.43
C ALA A 242 -28.00 -9.99 -25.64
N PRO A 243 -27.35 -9.01 -26.28
CA PRO A 243 -27.09 -7.73 -25.61
C PRO A 243 -28.37 -7.07 -25.14
N GLY A 244 -28.38 -6.59 -23.90
CA GLY A 244 -29.58 -6.01 -23.30
C GLY A 244 -30.21 -6.99 -22.32
N ARG A 245 -29.95 -8.28 -22.54
CA ARG A 245 -30.44 -9.33 -21.66
C ARG A 245 -29.38 -9.67 -20.62
N PRO A 246 -29.82 -9.99 -19.38
CA PRO A 246 -28.89 -10.24 -18.28
C PRO A 246 -27.96 -11.43 -18.53
N ALA A 247 -26.77 -11.38 -17.93
CA ALA A 247 -25.83 -12.48 -17.96
C ALA A 247 -25.79 -13.15 -16.60
N ILE A 248 -25.78 -14.47 -16.57
CA ILE A 248 -25.81 -15.21 -15.32
C ILE A 248 -24.46 -15.89 -15.07
N PHE A 249 -23.82 -15.51 -13.97
CA PHE A 249 -22.52 -16.06 -13.62
C PHE A 249 -22.68 -17.06 -12.49
N THR A 250 -22.13 -18.25 -12.68
CA THR A 250 -22.38 -19.35 -11.74
C THR A 250 -21.10 -20.04 -11.30
N ILE A 251 -20.96 -20.22 -9.99
CA ILE A 251 -19.93 -21.11 -9.45
C ILE A 251 -20.60 -22.11 -8.51
N LYS A 252 -20.08 -23.34 -8.50
CA LYS A 252 -20.65 -24.37 -7.65
C LYS A 252 -19.56 -25.10 -6.88
N ASP A 253 -19.84 -25.37 -5.62
CA ASP A 253 -18.96 -26.19 -4.79
C ASP A 253 -19.80 -27.30 -4.18
N SER A 254 -19.18 -28.11 -3.33
CA SER A 254 -19.87 -29.23 -2.71
C SER A 254 -21.08 -28.79 -1.89
N LEU A 255 -20.86 -27.87 -0.96
CA LEU A 255 -21.90 -27.51 -0.01
C LEU A 255 -22.31 -26.04 -0.09
N LEU A 256 -21.99 -25.39 -1.21
CA LEU A 256 -22.44 -24.01 -1.42
C LEU A 256 -22.61 -23.68 -2.90
N ASP A 257 -23.58 -22.82 -3.18
CA ASP A 257 -23.81 -22.33 -4.52
C ASP A 257 -23.69 -20.81 -4.55
N GLY A 258 -23.06 -20.28 -5.60
CA GLY A 258 -22.99 -18.86 -5.80
C GLY A 258 -23.42 -18.50 -7.21
N HIS A 259 -24.31 -17.54 -7.34
CA HIS A 259 -24.67 -17.07 -8.67
C HIS A 259 -24.89 -15.56 -8.70
N PHE A 260 -24.31 -14.92 -9.71
CA PHE A 260 -24.41 -13.49 -9.90
C PHE A 260 -25.22 -13.21 -11.17
N VAL A 261 -26.08 -12.22 -11.11
CA VAL A 261 -26.84 -11.81 -12.29
C VAL A 261 -26.50 -10.37 -12.64
N LEU A 262 -25.98 -10.16 -13.84
CA LEU A 262 -25.58 -8.82 -14.27
C LEU A 262 -26.34 -8.39 -15.51
N ALA A 263 -26.87 -7.18 -15.49
CA ALA A 263 -27.48 -6.60 -16.68
C ALA A 263 -26.40 -6.33 -17.72
N THR A 264 -26.77 -6.41 -18.99
CA THR A 264 -25.83 -6.12 -20.08
C THR A 264 -26.30 -4.91 -20.87
N LEU A 265 -25.37 -4.30 -21.61
CA LEU A 265 -25.67 -3.10 -22.38
C LEU A 265 -26.51 -3.40 -23.62
N SER A 266 -27.28 -2.41 -24.06
CA SER A 266 -28.16 -2.57 -25.21
C SER A 266 -27.43 -2.26 -26.50
N HIS B 4 -5.34 9.09 -44.00
CA HIS B 4 -4.35 8.66 -43.01
C HIS B 4 -3.07 9.46 -43.27
N HIS B 5 -1.99 9.15 -42.55
CA HIS B 5 -0.66 9.64 -42.91
C HIS B 5 0.01 8.46 -43.60
N HIS B 6 0.93 8.73 -44.51
CA HIS B 6 1.54 7.62 -45.23
C HIS B 6 2.94 7.35 -44.70
N HIS B 7 3.15 7.70 -43.43
CA HIS B 7 4.27 7.18 -42.67
C HIS B 7 3.86 5.81 -42.14
N LYS B 8 4.84 5.00 -41.76
CA LYS B 8 4.54 3.67 -41.22
C LYS B 8 5.63 3.22 -40.25
N PHE B 9 5.28 2.27 -39.40
CA PHE B 9 6.23 1.76 -38.40
C PHE B 9 5.80 0.41 -37.84
N ARG B 10 6.77 -0.49 -37.72
CA ARG B 10 6.55 -1.78 -37.07
C ARG B 10 7.86 -2.29 -36.48
N ALA B 11 7.79 -2.76 -35.24
CA ALA B 11 8.97 -3.29 -34.57
C ALA B 11 8.59 -4.44 -33.66
N LYS B 12 9.55 -5.32 -33.37
CA LYS B 12 9.27 -6.51 -32.57
C LYS B 12 10.41 -6.85 -31.61
N ILE B 13 10.06 -7.12 -30.36
CA ILE B 13 11.03 -7.55 -29.35
C ILE B 13 10.76 -8.99 -28.93
N VAL B 14 11.79 -9.83 -28.95
CA VAL B 14 11.65 -11.21 -28.50
C VAL B 14 12.68 -11.54 -27.42
N ASP B 15 13.72 -10.71 -27.31
CA ASP B 15 14.71 -10.88 -26.26
C ASP B 15 14.12 -10.40 -24.94
N GLY B 16 13.83 -11.36 -24.05
CA GLY B 16 13.19 -11.05 -22.79
C GLY B 16 13.89 -10.01 -21.95
N ALA B 17 15.22 -9.95 -22.08
CA ALA B 17 16.03 -9.02 -21.30
C ALA B 17 15.77 -7.57 -21.70
N CYS B 18 15.83 -7.29 -22.99
CA CYS B 18 15.54 -5.95 -23.50
C CYS B 18 14.06 -5.65 -23.42
N LEU B 19 13.27 -6.71 -23.30
CA LEU B 19 11.81 -6.61 -23.30
C LEU B 19 11.29 -6.03 -21.99
N ASN B 20 11.85 -6.46 -20.87
CA ASN B 20 11.49 -5.87 -19.59
C ASN B 20 12.29 -4.60 -19.37
N HIS B 21 13.45 -4.51 -20.02
CA HIS B 21 14.25 -3.30 -20.05
C HIS B 21 13.42 -2.18 -20.68
N PHE B 22 12.72 -2.51 -21.75
CA PHE B 22 11.84 -1.58 -22.46
C PHE B 22 10.67 -1.18 -21.56
N THR B 23 10.19 -2.13 -20.77
CA THR B 23 9.08 -1.90 -19.86
C THR B 23 9.42 -0.86 -18.79
N ARG B 24 10.57 -1.03 -18.15
CA ARG B 24 10.99 -0.15 -17.06
C ARG B 24 11.18 1.28 -17.55
N ILE B 25 11.69 1.44 -18.77
CA ILE B 25 11.87 2.77 -19.36
C ILE B 25 10.53 3.46 -19.50
N SER B 26 9.50 2.70 -19.87
CA SER B 26 8.16 3.26 -20.01
C SER B 26 7.58 3.70 -18.68
N ASN B 27 7.85 2.94 -17.63
CA ASN B 27 7.31 3.24 -16.31
C ASN B 27 7.99 4.45 -15.66
N MET B 28 9.27 4.66 -15.97
CA MET B 28 9.98 5.81 -15.43
C MET B 28 9.55 7.09 -16.14
N ILE B 29 9.09 6.95 -17.38
CA ILE B 29 8.58 8.09 -18.13
C ILE B 29 7.23 8.54 -17.58
N ALA B 30 6.43 7.56 -17.16
CA ALA B 30 5.11 7.84 -16.59
C ALA B 30 5.19 8.68 -15.33
N LYS B 31 6.26 8.49 -14.57
CA LYS B 31 6.48 9.25 -13.34
C LYS B 31 6.93 10.68 -13.65
N LEU B 32 7.80 10.81 -14.65
CA LEU B 32 8.40 12.10 -14.98
C LEU B 32 7.39 13.09 -15.56
N ALA B 33 6.54 12.61 -16.46
CA ALA B 33 5.52 13.46 -17.08
C ALA B 33 4.30 12.65 -17.49
N LYS B 34 3.18 13.34 -17.72
CA LYS B 34 1.96 12.69 -18.12
C LYS B 34 1.87 12.53 -19.64
N THR B 35 2.46 13.47 -20.35
CA THR B 35 2.48 13.43 -21.80
C THR B 35 3.91 13.25 -22.31
N CYS B 36 4.09 12.33 -23.24
CA CYS B 36 5.41 12.04 -23.79
C CYS B 36 5.40 12.10 -25.31
N THR B 37 6.54 12.48 -25.88
CA THR B 37 6.70 12.49 -27.33
C THR B 37 7.66 11.39 -27.76
N LEU B 38 7.24 10.58 -28.71
CA LEU B 38 8.06 9.50 -29.22
C LEU B 38 8.58 9.84 -30.61
N ARG B 39 9.87 9.62 -30.83
CA ARG B 39 10.49 9.90 -32.12
C ARG B 39 11.03 8.63 -32.76
N ILE B 40 10.56 8.32 -33.97
CA ILE B 40 10.95 7.10 -34.66
C ILE B 40 11.89 7.38 -35.82
N SER B 41 13.06 6.75 -35.77
CA SER B 41 14.07 6.88 -36.82
C SER B 41 14.44 5.48 -37.32
N PRO B 42 15.06 5.38 -38.51
CA PRO B 42 15.46 4.05 -39.00
C PRO B 42 16.45 3.33 -38.08
N ASP B 43 17.21 4.08 -37.30
CA ASP B 43 18.23 3.49 -36.44
C ASP B 43 17.96 3.66 -34.95
N LYS B 44 17.07 4.60 -34.60
CA LYS B 44 16.87 4.94 -33.20
C LYS B 44 15.41 5.12 -32.81
N LEU B 45 15.19 5.09 -31.49
CA LEU B 45 13.88 5.37 -30.91
C LEU B 45 14.07 6.36 -29.76
N ASN B 46 13.35 7.47 -29.79
CA ASN B 46 13.54 8.52 -28.79
C ASN B 46 12.29 8.85 -28.00
N PHE B 47 12.44 8.97 -26.68
CA PHE B 47 11.37 9.47 -25.82
C PHE B 47 11.73 10.87 -25.35
N ILE B 48 10.86 11.84 -25.65
CA ILE B 48 11.18 13.25 -25.42
C ILE B 48 10.17 13.95 -24.51
N LEU B 49 10.69 14.68 -23.53
CA LEU B 49 9.86 15.48 -22.64
C LEU B 49 10.23 16.96 -22.76
N CYS B 50 9.23 17.80 -23.04
CA CYS B 50 9.47 19.23 -23.25
C CYS B 50 8.76 20.09 -22.21
N ASP B 51 9.05 19.84 -20.93
CA ASP B 51 8.47 20.60 -19.82
C ASP B 51 8.66 22.11 -19.95
N LYS B 52 7.56 22.84 -19.80
CA LYS B 52 7.56 24.29 -19.60
C LYS B 52 6.14 24.82 -19.51
N VAL B 58 11.97 21.46 -17.59
CA VAL B 58 12.46 20.16 -17.15
C VAL B 58 12.53 19.18 -18.34
N SER B 59 13.53 19.35 -19.19
CA SER B 59 13.66 18.53 -20.38
C SER B 59 14.13 17.12 -20.05
N MET B 60 13.71 16.16 -20.86
CA MET B 60 14.21 14.79 -20.78
C MET B 60 14.43 14.24 -22.17
N TRP B 61 15.62 13.70 -22.40
CA TRP B 61 15.96 13.11 -23.69
C TRP B 61 16.46 11.68 -23.51
N CYS B 62 15.66 10.72 -23.93
CA CYS B 62 16.01 9.31 -23.81
C CYS B 62 16.18 8.68 -25.19
N GLU B 63 17.32 8.04 -25.41
CA GLU B 63 17.63 7.48 -26.73
C GLU B 63 17.91 5.99 -26.67
N LEU B 64 17.30 5.24 -27.58
CA LEU B 64 17.51 3.80 -27.68
C LEU B 64 18.08 3.44 -29.04
N GLU B 65 19.23 2.78 -29.04
CA GLU B 65 19.74 2.17 -30.26
C GLU B 65 18.84 0.99 -30.58
N GLN B 66 18.10 1.10 -31.68
CA GLN B 66 17.08 0.13 -32.08
C GLN B 66 17.57 -1.31 -32.12
N GLU B 67 18.75 -1.48 -32.71
CA GLU B 67 19.33 -2.78 -33.00
C GLU B 67 19.78 -3.54 -31.75
N ASN B 68 19.60 -2.92 -30.58
CA ASN B 68 19.93 -3.56 -29.31
C ASN B 68 18.67 -3.96 -28.54
N PHE B 69 17.51 -3.76 -29.18
CA PHE B 69 16.23 -4.10 -28.57
C PHE B 69 15.39 -4.98 -29.48
N PHE B 70 15.31 -4.58 -30.75
CA PHE B 70 14.40 -5.20 -31.70
C PHE B 70 15.11 -6.16 -32.64
N ASN B 71 14.50 -7.33 -32.85
CA ASN B 71 14.99 -8.27 -33.85
C ASN B 71 14.31 -7.97 -35.18
N GLU B 72 13.23 -7.21 -35.11
CA GLU B 72 12.56 -6.68 -36.29
C GLU B 72 12.29 -5.20 -36.09
N PHE B 73 12.57 -4.40 -37.10
CA PHE B 73 12.33 -2.96 -37.03
C PHE B 73 12.26 -2.37 -38.42
N GLN B 74 11.21 -1.59 -38.68
CA GLN B 74 11.01 -0.99 -39.98
C GLN B 74 10.15 0.25 -39.86
N MET B 75 10.60 1.35 -40.47
CA MET B 75 9.82 2.58 -40.46
C MET B 75 9.99 3.34 -41.77
N GLU B 76 9.10 4.30 -41.98
CA GLU B 76 9.16 5.17 -43.15
C GLU B 76 8.42 6.45 -42.84
N GLY B 77 9.12 7.58 -42.97
CA GLY B 77 8.50 8.88 -42.74
C GLY B 77 7.63 9.26 -43.92
N VAL B 78 6.94 10.39 -43.80
CA VAL B 78 6.11 10.88 -44.89
C VAL B 78 6.96 11.27 -46.09
N SER B 79 8.02 12.04 -45.84
CA SER B 79 8.89 12.49 -46.92
C SER B 79 10.16 11.65 -47.01
N ALA B 80 10.99 11.97 -47.99
CA ALA B 80 12.19 11.19 -48.28
C ALA B 80 13.36 11.54 -47.36
N GLU B 81 13.81 12.80 -47.42
CA GLU B 81 14.96 13.21 -46.63
C GLU B 81 14.57 13.44 -45.17
N ASN B 82 13.30 13.75 -44.94
CA ASN B 82 12.80 13.90 -43.57
C ASN B 82 12.17 12.59 -43.11
N ASN B 83 12.99 11.54 -43.06
CA ASN B 83 12.52 10.22 -42.69
C ASN B 83 12.43 10.05 -41.18
N GLU B 84 11.51 10.78 -40.57
CA GLU B 84 11.29 10.72 -39.13
C GLU B 84 9.80 10.69 -38.84
N ILE B 85 9.43 10.16 -37.68
CA ILE B 85 8.06 10.18 -37.22
C ILE B 85 8.00 10.69 -35.79
N TYR B 86 7.20 11.73 -35.56
CA TYR B 86 7.03 12.29 -34.22
C TYR B 86 5.62 12.07 -33.71
N LEU B 87 5.50 11.37 -32.59
CA LEU B 87 4.19 11.06 -32.02
C LEU B 87 4.05 11.62 -30.62
N GLU B 88 2.82 11.94 -30.25
CA GLU B 88 2.53 12.34 -28.88
C GLU B 88 1.51 11.38 -28.28
N LEU B 89 1.80 10.88 -27.08
CA LEU B 89 0.89 9.96 -26.40
C LEU B 89 0.93 10.15 -24.89
N THR B 90 -0.03 9.54 -24.20
CA THR B 90 -0.08 9.59 -22.75
C THR B 90 0.86 8.54 -22.15
N SER B 91 1.67 8.96 -21.20
CA SER B 91 2.65 8.09 -20.57
C SER B 91 2.03 6.88 -19.89
N GLU B 92 0.94 7.11 -19.16
CA GLU B 92 0.25 6.04 -18.43
C GLU B 92 -0.21 4.92 -19.38
N ASN B 93 -0.67 5.30 -20.56
CA ASN B 93 -1.12 4.32 -21.56
C ASN B 93 -0.02 3.37 -21.99
N LEU B 94 1.16 3.92 -22.29
CA LEU B 94 2.29 3.11 -22.72
C LEU B 94 2.78 2.22 -21.58
N SER B 95 2.76 2.76 -20.36
CA SER B 95 3.21 2.03 -19.18
C SER B 95 2.30 0.84 -18.88
N ARG B 96 0.99 1.08 -18.91
CA ARG B 96 0.02 0.02 -18.66
C ARG B 96 0.10 -1.05 -19.74
N ALA B 97 0.27 -0.62 -20.98
CA ALA B 97 0.38 -1.54 -22.11
C ALA B 97 1.60 -2.43 -21.98
N LEU B 98 2.72 -1.84 -21.56
CA LEU B 98 3.98 -2.56 -21.45
C LEU B 98 4.10 -3.29 -20.13
N LYS B 99 3.11 -3.13 -19.26
CA LYS B 99 3.04 -3.90 -18.02
C LYS B 99 2.85 -5.38 -18.36
N THR B 100 1.97 -5.63 -19.33
CA THR B 100 1.72 -7.00 -19.79
C THR B 100 2.88 -7.52 -20.62
N ALA B 101 3.62 -6.61 -21.24
CA ALA B 101 4.71 -6.99 -22.13
C ALA B 101 5.99 -7.35 -21.38
N GLN B 102 6.03 -7.03 -20.09
CA GLN B 102 7.25 -7.16 -19.30
C GLN B 102 7.81 -8.57 -19.24
N ASN B 103 6.92 -9.56 -19.26
CA ASN B 103 7.35 -10.96 -19.13
C ASN B 103 6.75 -11.85 -20.21
N ALA B 104 6.59 -11.29 -21.40
CA ALA B 104 5.96 -12.01 -22.50
C ALA B 104 6.95 -12.88 -23.27
N ARG B 105 6.46 -13.58 -24.28
CA ARG B 105 7.32 -14.27 -25.23
C ARG B 105 7.86 -13.27 -26.22
N ALA B 106 6.96 -12.45 -26.78
CA ALA B 106 7.33 -11.45 -27.77
C ALA B 106 6.48 -10.19 -27.61
N LEU B 107 6.96 -9.10 -28.18
CA LEU B 107 6.24 -7.83 -28.15
C LEU B 107 6.26 -7.17 -29.53
N LYS B 108 5.09 -6.79 -30.01
CA LYS B 108 4.98 -6.09 -31.29
C LYS B 108 4.48 -4.66 -31.09
N ILE B 109 5.10 -3.73 -31.79
CA ILE B 109 4.64 -2.34 -31.81
C ILE B 109 4.42 -1.92 -33.26
N LYS B 110 3.22 -1.44 -33.57
CA LYS B 110 2.89 -1.06 -34.93
C LYS B 110 1.96 0.15 -35.00
N LEU B 111 2.20 1.00 -35.98
CA LEU B 111 1.36 2.16 -36.22
C LEU B 111 0.10 1.76 -37.00
N THR B 112 -1.07 2.00 -36.41
CA THR B 112 -2.33 1.63 -37.05
C THR B 112 -3.32 2.78 -37.06
N ASN B 113 -4.34 2.67 -37.91
CA ASN B 113 -5.36 3.71 -38.03
C ASN B 113 -6.73 3.10 -38.33
N LYS B 114 -7.26 2.38 -37.35
CA LYS B 114 -8.54 1.70 -37.50
C LYS B 114 -9.70 2.65 -37.24
N HIS B 115 -9.91 2.99 -35.97
CA HIS B 115 -10.85 4.03 -35.59
C HIS B 115 -10.17 5.39 -35.67
N PHE B 116 -8.87 5.39 -35.33
CA PHE B 116 -8.08 6.60 -35.28
C PHE B 116 -6.59 6.24 -35.19
N PRO B 117 -5.69 7.17 -35.54
CA PRO B 117 -4.24 6.90 -35.46
C PRO B 117 -3.81 6.36 -34.10
N CYS B 118 -3.20 5.18 -34.12
CA CYS B 118 -2.84 4.48 -32.89
C CYS B 118 -1.44 3.88 -32.95
N LEU B 119 -0.85 3.72 -31.77
CA LEU B 119 0.34 2.90 -31.63
C LEU B 119 -0.08 1.59 -30.97
N THR B 120 -0.25 0.55 -31.79
CA THR B 120 -0.74 -0.72 -31.29
C THR B 120 0.37 -1.56 -30.68
N VAL B 121 0.16 -1.96 -29.42
CA VAL B 121 1.11 -2.79 -28.71
C VAL B 121 0.56 -4.22 -28.58
N SER B 122 1.11 -5.13 -29.36
CA SER B 122 0.70 -6.53 -29.30
C SER B 122 1.65 -7.32 -28.41
N VAL B 123 1.08 -8.10 -27.49
CA VAL B 123 1.87 -8.86 -26.53
C VAL B 123 1.51 -10.34 -26.57
N GLU B 124 2.50 -11.17 -26.88
CA GLU B 124 2.31 -12.62 -26.93
C GLU B 124 2.56 -13.24 -25.56
N LEU B 125 1.50 -13.77 -24.94
CA LEU B 125 1.60 -14.35 -23.61
C LEU B 125 1.66 -15.87 -23.65
N LEU B 126 1.85 -16.47 -22.48
CA LEU B 126 1.98 -17.92 -22.34
C LEU B 126 0.74 -18.66 -22.84
N SER B 132 -2.17 -19.94 -27.51
CA SER B 132 -1.45 -18.78 -26.99
C SER B 132 -2.40 -17.61 -26.76
N ARG B 133 -1.96 -16.64 -25.96
CA ARG B 133 -2.79 -15.50 -25.60
C ARG B 133 -2.20 -14.19 -26.08
N ILE B 134 -2.98 -13.44 -26.86
CA ILE B 134 -2.55 -12.16 -27.38
C ILE B 134 -3.25 -11.01 -26.68
N VAL B 135 -2.47 -10.04 -26.20
CA VAL B 135 -3.03 -8.83 -25.62
C VAL B 135 -2.71 -7.64 -26.50
N THR B 136 -3.76 -6.96 -26.96
CA THR B 136 -3.59 -5.83 -27.87
C THR B 136 -4.01 -4.51 -27.21
N HIS B 137 -3.07 -3.58 -27.09
CA HIS B 137 -3.37 -2.25 -26.59
C HIS B 137 -3.25 -1.23 -27.72
N ASP B 138 -4.33 -0.53 -28.02
CA ASP B 138 -4.30 0.51 -29.04
C ASP B 138 -4.11 1.87 -28.40
N ILE B 139 -2.87 2.31 -28.33
CA ILE B 139 -2.53 3.60 -27.73
C ILE B 139 -2.82 4.75 -28.69
N PRO B 140 -3.78 5.62 -28.32
CA PRO B 140 -4.05 6.80 -29.15
C PRO B 140 -2.83 7.69 -29.24
N ILE B 141 -2.49 8.14 -30.45
CA ILE B 141 -1.33 8.99 -30.63
C ILE B 141 -1.67 10.23 -31.44
N LYS B 142 -0.96 11.32 -31.15
CA LYS B 142 -1.09 12.55 -31.92
C LYS B 142 0.15 12.72 -32.80
N VAL B 143 -0.07 12.81 -34.11
CA VAL B 143 1.04 12.96 -35.04
C VAL B 143 1.48 14.41 -35.15
N ILE B 144 2.73 14.67 -34.76
CA ILE B 144 3.28 16.02 -34.79
C ILE B 144 3.76 16.39 -36.19
N PRO B 145 3.21 17.49 -36.74
CA PRO B 145 3.61 17.97 -38.08
C PRO B 145 5.06 18.44 -38.10
N ARG B 146 5.67 18.48 -39.28
CA ARG B 146 7.09 18.76 -39.41
C ARG B 146 7.49 20.16 -38.94
N LYS B 147 6.53 21.10 -38.98
CA LYS B 147 6.79 22.47 -38.55
C LYS B 147 7.28 22.52 -37.11
N LEU B 148 6.84 21.55 -36.31
CA LEU B 148 7.07 21.58 -34.88
C LEU B 148 8.20 20.65 -34.45
N TRP B 149 8.81 19.97 -35.41
CA TRP B 149 9.94 19.08 -35.11
C TRP B 149 11.13 19.87 -34.57
N LYS B 150 11.17 21.15 -34.91
CA LYS B 150 12.25 22.05 -34.48
C LYS B 150 12.27 22.24 -32.97
N ASP B 151 11.11 22.07 -32.35
CA ASP B 151 10.98 22.24 -30.90
C ASP B 151 11.17 20.91 -30.18
N LEU B 152 11.46 19.86 -30.96
CA LEU B 152 11.57 18.52 -30.41
C LEU B 152 12.93 17.89 -30.73
N GLN B 153 13.96 18.73 -30.80
CA GLN B 153 15.32 18.26 -31.00
C GLN B 153 15.99 18.03 -29.67
N GLU B 154 17.10 17.30 -29.67
CA GLU B 154 17.86 17.10 -28.43
C GLU B 154 18.55 18.41 -28.05
N PRO B 155 18.44 18.78 -26.77
CA PRO B 155 18.99 20.04 -26.25
C PRO B 155 20.50 20.11 -26.40
N VAL B 156 21.03 21.31 -26.61
CA VAL B 156 22.47 21.52 -26.61
C VAL B 156 22.98 21.28 -25.20
N VAL B 157 24.20 20.78 -25.07
CA VAL B 157 24.80 20.53 -23.77
C VAL B 157 25.71 21.68 -23.34
N PRO B 158 25.20 22.56 -22.46
CA PRO B 158 26.01 23.69 -22.00
C PRO B 158 27.13 23.20 -21.09
N ASP B 159 28.34 23.69 -21.32
CA ASP B 159 29.50 23.22 -20.56
C ASP B 159 29.30 23.47 -19.07
N PRO B 160 29.31 22.39 -18.28
CA PRO B 160 29.08 22.48 -16.84
C PRO B 160 30.24 23.14 -16.12
N ASP B 161 29.96 23.76 -14.98
CA ASP B 161 31.02 24.31 -14.15
C ASP B 161 31.71 23.19 -13.40
N VAL B 162 30.94 22.14 -13.10
CA VAL B 162 31.46 20.96 -12.41
C VAL B 162 30.79 19.69 -12.93
N SER B 163 31.60 18.71 -13.31
CA SER B 163 31.12 17.40 -13.70
C SER B 163 31.62 16.35 -12.72
N ILE B 164 30.71 15.52 -12.21
CA ILE B 164 31.07 14.56 -11.19
C ILE B 164 30.25 13.27 -11.30
N TYR B 165 30.91 12.13 -11.06
CA TYR B 165 30.21 10.85 -11.04
C TYR B 165 29.22 10.80 -9.89
N LEU B 166 28.07 10.18 -10.12
CA LEU B 166 27.03 10.09 -9.10
C LEU B 166 27.30 8.93 -8.14
N PRO B 167 26.84 9.06 -6.89
CA PRO B 167 26.87 7.94 -5.94
C PRO B 167 25.83 6.89 -6.30
N VAL B 168 25.54 5.96 -5.40
CA VAL B 168 24.49 4.99 -5.64
C VAL B 168 23.14 5.70 -5.58
N LEU B 169 22.32 5.50 -6.61
CA LEU B 169 21.08 6.22 -6.76
C LEU B 169 20.06 5.87 -5.68
N LYS B 170 20.31 4.77 -4.97
CA LYS B 170 19.36 4.25 -3.99
C LYS B 170 19.49 5.06 -2.70
N THR B 171 20.74 5.29 -2.30
CA THR B 171 21.02 6.16 -1.16
C THR B 171 20.54 7.57 -1.47
N MET B 172 20.80 8.02 -2.69
CA MET B 172 20.33 9.32 -3.14
C MET B 172 18.80 9.41 -3.07
N LYS B 173 18.13 8.40 -3.60
CA LYS B 173 16.67 8.35 -3.56
C LYS B 173 16.17 8.38 -2.12
N SER B 174 16.71 7.49 -1.29
CA SER B 174 16.31 7.38 0.11
C SER B 174 16.49 8.70 0.86
N VAL B 175 17.67 9.31 0.71
CA VAL B 175 17.97 10.56 1.39
C VAL B 175 17.05 11.69 0.92
N VAL B 176 17.00 11.91 -0.40
CA VAL B 176 16.15 12.94 -0.98
C VAL B 176 14.69 12.76 -0.59
N GLU B 177 14.21 11.52 -0.65
CA GLU B 177 12.82 11.20 -0.39
C GLU B 177 12.40 11.55 1.05
N LYS B 178 13.28 11.31 2.01
CA LYS B 178 12.94 11.64 3.39
C LYS B 178 13.23 13.12 3.68
N MET B 179 14.03 13.75 2.81
CA MET B 179 14.25 15.19 2.88
C MET B 179 13.01 15.94 2.39
N LYS B 180 12.25 15.29 1.51
CA LYS B 180 11.01 15.85 0.98
C LYS B 180 10.01 16.17 2.09
N ASN B 181 9.99 15.33 3.12
CA ASN B 181 9.12 15.55 4.27
C ASN B 181 9.45 16.84 5.00
N ILE B 182 10.73 17.21 5.00
CA ILE B 182 11.19 18.41 5.69
C ILE B 182 10.97 19.66 4.86
N SER B 183 11.36 19.60 3.59
CA SER B 183 11.25 20.75 2.70
C SER B 183 11.07 20.34 1.24
N ASN B 184 10.68 21.31 0.40
CA ASN B 184 10.55 21.08 -1.02
C ASN B 184 11.73 21.68 -1.79
N HIS B 185 12.52 22.49 -1.09
CA HIS B 185 13.64 23.18 -1.71
C HIS B 185 14.97 22.49 -1.37
N LEU B 186 15.68 22.07 -2.40
CA LEU B 186 16.95 21.36 -2.22
C LEU B 186 18.10 22.04 -2.95
N VAL B 187 19.20 22.25 -2.24
CA VAL B 187 20.42 22.74 -2.86
C VAL B 187 21.40 21.58 -3.06
N ILE B 188 21.79 21.36 -4.30
CA ILE B 188 22.77 20.31 -4.62
C ILE B 188 24.05 20.93 -5.18
N GLU B 189 25.19 20.52 -4.63
CA GLU B 189 26.48 21.09 -5.00
C GLU B 189 27.54 20.02 -5.19
N ALA B 190 28.62 20.35 -5.88
CA ALA B 190 29.68 19.38 -6.16
C ALA B 190 31.04 20.02 -6.46
N ASN B 191 32.10 19.23 -6.30
CA ASN B 191 33.47 19.67 -6.53
C ASN B 191 34.12 19.05 -7.76
N LEU B 192 35.36 19.44 -8.02
CA LEU B 192 36.21 18.72 -8.95
C LEU B 192 37.12 17.80 -8.13
N ASP B 193 36.78 17.68 -6.85
CA ASP B 193 37.55 16.86 -5.91
C ASP B 193 36.78 15.61 -5.50
N GLY B 194 35.61 15.42 -6.10
CA GLY B 194 34.83 14.21 -5.89
C GLY B 194 33.83 14.27 -4.75
N GLU B 195 33.41 15.48 -4.38
CA GLU B 195 32.43 15.64 -3.32
C GLU B 195 31.10 16.15 -3.87
N LEU B 196 30.00 15.63 -3.33
CA LEU B 196 28.66 16.10 -3.68
C LEU B 196 27.80 16.19 -2.43
N ASN B 197 27.16 17.33 -2.23
CA ASN B 197 26.30 17.54 -1.07
C ASN B 197 24.84 17.77 -1.45
N LEU B 198 23.94 17.17 -0.67
CA LEU B 198 22.51 17.46 -0.77
C LEU B 198 22.11 18.24 0.48
N LYS B 199 21.38 19.34 0.30
CA LYS B 199 21.21 20.29 1.39
C LYS B 199 19.84 20.97 1.42
N ILE B 200 19.10 20.76 2.50
CA ILE B 200 17.87 21.51 2.76
C ILE B 200 18.08 22.37 4.00
N GLU B 201 17.38 23.49 4.07
CA GLU B 201 17.56 24.43 5.16
C GLU B 201 16.28 25.20 5.47
N THR B 202 15.76 25.01 6.68
CA THR B 202 14.57 25.72 7.12
C THR B 202 14.83 26.48 8.41
N GLU B 203 13.79 27.16 8.90
CA GLU B 203 13.86 27.97 10.10
C GLU B 203 14.19 27.15 11.36
N LEU B 204 13.87 25.86 11.35
CA LEU B 204 13.96 25.05 12.56
C LEU B 204 14.85 23.82 12.41
N VAL B 205 15.26 23.52 11.18
CA VAL B 205 16.10 22.34 10.94
C VAL B 205 16.93 22.45 9.66
N CYS B 206 18.22 22.15 9.79
CA CYS B 206 19.12 22.12 8.64
C CYS B 206 19.68 20.72 8.45
N VAL B 207 19.60 20.20 7.23
CA VAL B 207 20.09 18.85 6.95
C VAL B 207 21.04 18.84 5.75
N THR B 208 22.22 18.27 5.95
CA THR B 208 23.21 18.18 4.88
C THR B 208 23.77 16.76 4.77
N THR B 209 23.64 16.17 3.59
CA THR B 209 24.17 14.83 3.34
C THR B 209 25.44 14.92 2.49
N HIS B 210 26.52 14.34 3.00
CA HIS B 210 27.82 14.44 2.34
C HIS B 210 28.22 13.17 1.59
N PHE B 211 28.44 13.29 0.30
CA PHE B 211 29.00 12.20 -0.50
C PHE B 211 30.43 12.55 -0.90
N LYS B 212 31.34 11.59 -0.77
CA LYS B 212 32.74 11.85 -1.09
C LYS B 212 33.39 10.68 -1.84
N ASP B 213 34.60 10.93 -2.33
CA ASP B 213 35.38 9.94 -3.08
C ASP B 213 34.63 9.46 -4.33
N LEU B 214 33.77 10.32 -4.85
CA LEU B 214 32.98 9.99 -6.04
C LEU B 214 33.84 10.03 -7.30
N GLY B 215 34.88 10.86 -7.29
CA GLY B 215 35.73 11.02 -8.43
C GLY B 215 35.11 11.92 -9.48
N ASN B 216 35.93 12.42 -10.39
CA ASN B 216 35.45 13.29 -11.46
C ASN B 216 35.98 12.88 -12.82
N PRO B 217 35.12 12.97 -13.85
CA PRO B 217 35.61 12.78 -15.22
C PRO B 217 36.56 13.91 -15.58
N PRO B 218 37.67 13.58 -16.27
CA PRO B 218 38.70 14.58 -16.59
C PRO B 218 38.22 15.65 -17.55
N LEU B 219 39.04 16.67 -17.77
CA LEU B 219 38.71 17.79 -18.64
C LEU B 219 37.42 18.49 -18.19
N ASN B 229 37.96 26.42 -11.40
CA ASN B 229 39.29 25.84 -11.51
C ASN B 229 39.79 25.30 -10.17
N VAL B 230 39.51 26.03 -9.10
CA VAL B 230 39.77 25.53 -7.75
C VAL B 230 38.54 24.76 -7.28
N GLU B 231 38.76 23.65 -6.58
CA GLU B 231 37.66 22.81 -6.14
C GLU B 231 36.78 23.49 -5.09
N HIS B 232 36.07 24.52 -5.52
CA HIS B 232 35.03 25.13 -4.71
C HIS B 232 33.68 24.75 -5.30
N MET B 233 32.64 24.78 -4.48
CA MET B 233 31.33 24.23 -4.85
C MET B 233 30.63 24.97 -5.98
N ALA B 234 30.24 24.22 -7.00
CA ALA B 234 29.26 24.70 -7.98
C ALA B 234 27.90 24.13 -7.58
N GLU B 235 26.94 25.01 -7.32
CA GLU B 235 25.67 24.58 -6.76
C GLU B 235 24.47 25.04 -7.58
N VAL B 236 23.30 24.49 -7.24
CA VAL B 236 22.06 24.87 -7.89
C VAL B 236 20.86 24.55 -6.99
N HIS B 237 20.00 25.53 -6.79
CA HIS B 237 18.80 25.38 -5.97
C HIS B 237 17.64 24.89 -6.82
N ILE B 238 17.19 23.66 -6.57
CA ILE B 238 16.15 23.05 -7.39
C ILE B 238 14.91 22.62 -6.60
N ASP B 239 13.90 22.19 -7.33
CA ASP B 239 12.70 21.61 -6.73
C ASP B 239 12.95 20.13 -6.45
N ILE B 240 12.93 19.77 -5.16
CA ILE B 240 13.32 18.43 -4.73
C ILE B 240 12.42 17.34 -5.33
N ARG B 241 11.23 17.73 -5.76
CA ARG B 241 10.28 16.79 -6.36
C ARG B 241 10.75 16.34 -7.73
N LYS B 242 11.34 17.27 -8.47
CA LYS B 242 11.88 16.98 -9.80
C LYS B 242 12.97 15.93 -9.73
N LEU B 243 13.86 16.10 -8.75
CA LEU B 243 14.96 15.17 -8.53
C LEU B 243 14.45 13.80 -8.10
N LEU B 244 13.48 13.78 -7.20
CA LEU B 244 12.93 12.56 -6.66
C LEU B 244 12.26 11.70 -7.74
N GLN B 245 11.49 12.34 -8.61
CA GLN B 245 10.86 11.64 -9.74
C GLN B 245 11.89 10.91 -10.57
N PHE B 246 13.00 11.58 -10.85
CA PHE B 246 14.05 11.02 -11.68
C PHE B 246 14.77 9.87 -11.00
N LEU B 247 15.00 10.00 -9.69
CA LEU B 247 15.68 8.96 -8.93
C LEU B 247 14.79 7.74 -8.71
N ALA B 248 13.50 7.99 -8.50
CA ALA B 248 12.53 6.91 -8.33
C ALA B 248 12.41 6.09 -9.61
N GLY B 249 12.49 6.77 -10.75
CA GLY B 249 12.44 6.11 -12.04
C GLY B 249 13.66 5.25 -12.30
N GLN B 250 14.72 5.51 -11.53
CA GLN B 250 15.94 4.71 -11.62
C GLN B 250 15.92 3.60 -10.58
N GLN B 251 15.18 2.54 -10.89
CA GLN B 251 15.02 1.42 -9.96
C GLN B 251 16.28 0.53 -9.95
N VAL B 252 17.29 0.94 -10.72
CA VAL B 252 18.56 0.23 -10.77
C VAL B 252 19.72 1.23 -10.77
N ASN B 253 20.94 0.71 -10.60
CA ASN B 253 22.14 1.53 -10.78
C ASN B 253 22.65 1.37 -12.20
N PRO B 254 23.00 2.49 -12.86
CA PRO B 254 23.39 2.49 -14.27
C PRO B 254 24.87 2.17 -14.49
N THR B 255 25.27 1.98 -15.73
CA THR B 255 26.67 1.75 -16.06
C THR B 255 27.44 3.07 -16.04
N LYS B 256 26.73 4.17 -16.20
CA LYS B 256 27.33 5.50 -16.18
C LYS B 256 26.36 6.53 -15.62
N ALA B 257 26.79 7.23 -14.57
CA ALA B 257 25.94 8.23 -13.94
C ALA B 257 26.70 9.54 -13.72
N LEU B 258 26.55 10.46 -14.66
CA LEU B 258 27.19 11.76 -14.56
C LEU B 258 26.26 12.85 -14.07
N CYS B 259 26.73 13.65 -13.12
CA CYS B 259 26.02 14.83 -12.69
C CYS B 259 26.75 16.08 -13.17
N ASN B 260 26.08 16.90 -13.97
CA ASN B 260 26.67 18.10 -14.50
C ASN B 260 25.96 19.34 -13.95
N ILE B 261 26.71 20.17 -13.22
CA ILE B 261 26.11 21.35 -12.60
C ILE B 261 26.54 22.65 -13.26
N VAL B 262 25.57 23.37 -13.81
CA VAL B 262 25.80 24.74 -14.26
C VAL B 262 25.35 25.66 -13.14
N ASN B 263 26.32 26.32 -12.51
CA ASN B 263 26.10 27.06 -11.27
C ASN B 263 24.92 28.03 -11.30
N ASN B 264 24.00 27.85 -10.36
CA ASN B 264 22.82 28.69 -10.21
C ASN B 264 21.90 28.73 -11.42
N LYS B 265 22.04 27.75 -12.32
CA LYS B 265 21.22 27.74 -13.53
C LYS B 265 20.52 26.41 -13.77
N MET B 266 21.28 25.31 -13.70
CA MET B 266 20.75 24.01 -14.09
C MET B 266 21.65 22.84 -13.70
N VAL B 267 21.03 21.73 -13.28
CA VAL B 267 21.75 20.49 -13.08
C VAL B 267 21.36 19.50 -14.19
N HIS B 268 22.37 18.86 -14.78
CA HIS B 268 22.14 17.95 -15.90
C HIS B 268 22.64 16.54 -15.59
N PHE B 269 21.72 15.58 -15.65
CA PHE B 269 22.08 14.18 -15.42
C PHE B 269 22.28 13.43 -16.73
N ASP B 270 23.49 12.91 -16.92
CA ASP B 270 23.80 12.11 -18.09
C ASP B 270 23.93 10.65 -17.68
N LEU B 271 22.90 9.86 -17.97
CA LEU B 271 22.90 8.46 -17.59
C LEU B 271 22.97 7.54 -18.80
N LEU B 272 23.87 6.58 -18.72
CA LEU B 272 23.92 5.49 -19.68
C LEU B 272 23.59 4.22 -18.92
N HIS B 273 22.76 3.36 -19.51
CA HIS B 273 22.40 2.11 -18.85
C HIS B 273 22.12 1.00 -19.86
N GLU B 274 23.14 0.20 -20.11
CA GLU B 274 23.11 -0.84 -21.15
C GLU B 274 22.54 -0.29 -22.46
N ASP B 275 23.39 0.41 -23.20
CA ASP B 275 23.06 1.13 -24.44
C ASP B 275 21.71 1.85 -24.44
N VAL B 276 21.34 2.42 -23.30
CA VAL B 276 20.19 3.31 -23.22
C VAL B 276 20.62 4.65 -22.63
N SER B 277 20.67 5.67 -23.47
CA SER B 277 21.03 7.01 -23.04
C SER B 277 19.86 7.70 -22.36
N LEU B 278 20.15 8.47 -21.31
CA LEU B 278 19.12 9.23 -20.63
C LEU B 278 19.66 10.57 -20.13
N GLN B 279 19.19 11.65 -20.75
CA GLN B 279 19.55 12.99 -20.33
C GLN B 279 18.37 13.62 -19.61
N TYR B 280 18.61 14.11 -18.40
CA TYR B 280 17.56 14.76 -17.62
C TYR B 280 18.02 16.13 -17.14
N PHE B 281 17.23 17.15 -17.46
CA PHE B 281 17.59 18.52 -17.12
C PHE B 281 16.63 19.11 -16.10
N ILE B 282 17.17 19.49 -14.94
CA ILE B 282 16.37 20.17 -13.93
C ILE B 282 16.81 21.62 -13.84
N PRO B 283 15.92 22.55 -14.18
CA PRO B 283 16.26 23.97 -14.12
C PRO B 283 16.33 24.44 -12.68
N ALA B 284 17.16 25.44 -12.41
CA ALA B 284 17.21 26.04 -11.09
C ALA B 284 15.87 26.67 -10.77
N LEU B 285 15.43 26.51 -9.53
CA LEU B 285 14.31 27.31 -9.04
C LEU B 285 14.86 28.67 -8.66
N SER B 286 14.15 29.38 -7.78
CA SER B 286 14.55 30.72 -7.32
C SER B 286 14.57 31.74 -8.46
N TYR C 15 29.53 19.88 26.05
CA TYR C 15 28.34 19.17 25.61
C TYR C 15 27.59 18.52 26.78
N SER C 16 26.37 18.98 27.02
CA SER C 16 25.55 18.45 28.10
C SER C 16 25.23 16.97 27.88
N LEU C 17 24.76 16.65 26.67
CA LEU C 17 24.42 15.28 26.32
C LEU C 17 25.23 14.78 25.13
N VAL C 18 25.83 13.61 25.30
CA VAL C 18 26.54 12.94 24.20
C VAL C 18 26.13 11.48 24.15
N ALA C 19 25.58 11.06 23.02
CA ALA C 19 25.13 9.68 22.85
C ALA C 19 25.50 9.14 21.48
N SER C 20 25.80 7.84 21.41
CA SER C 20 26.20 7.23 20.14
C SER C 20 25.68 5.79 20.00
N LEU C 21 25.23 5.46 18.80
CA LEU C 21 24.73 4.13 18.51
C LEU C 21 25.39 3.55 17.26
N ASP C 22 25.62 2.24 17.27
CA ASP C 22 26.07 1.54 16.08
C ASP C 22 24.89 1.36 15.14
N ASN C 23 23.69 1.43 15.70
CA ASN C 23 22.45 1.27 14.95
C ASN C 23 21.40 2.27 15.41
N VAL C 24 20.94 3.10 14.48
CA VAL C 24 19.92 4.12 14.79
C VAL C 24 18.58 3.49 15.14
N ARG C 25 18.33 2.30 14.62
CA ARG C 25 17.04 1.65 14.77
C ARG C 25 16.77 1.25 16.22
N ASN C 26 17.81 1.16 17.04
CA ASN C 26 17.65 0.91 18.46
C ASN C 26 17.06 2.11 19.19
N LEU C 27 16.94 3.22 18.46
CA LEU C 27 16.35 4.43 19.00
C LEU C 27 15.09 4.82 18.24
N SER C 28 15.21 4.89 16.92
CA SER C 28 14.13 5.37 16.05
C SER C 28 12.87 4.49 16.13
N THR C 29 13.08 3.17 16.14
CA THR C 29 11.97 2.21 16.18
C THR C 29 11.09 2.43 17.40
N ILE C 30 11.71 2.62 18.55
CA ILE C 30 10.98 2.79 19.80
C ILE C 30 10.24 4.13 19.82
N LEU C 31 10.85 5.15 19.25
CA LEU C 31 10.26 6.49 19.22
C LEU C 31 9.04 6.54 18.32
N LYS C 32 9.01 5.68 17.30
CA LYS C 32 7.87 5.61 16.39
C LYS C 32 6.62 5.10 17.10
N ALA C 33 6.82 4.38 18.19
CA ALA C 33 5.72 3.77 18.94
C ALA C 33 4.97 4.79 19.79
N ILE C 34 5.50 6.00 19.88
CA ILE C 34 4.84 7.05 20.65
C ILE C 34 4.60 8.29 19.78
N HIS C 35 4.82 8.14 18.48
CA HIS C 35 4.71 9.28 17.55
C HIS C 35 3.27 9.57 17.17
N PHE C 36 2.55 10.31 18.01
CA PHE C 36 1.18 10.74 17.67
C PHE C 36 0.98 12.23 17.94
N ARG C 37 2.07 12.91 18.28
CA ARG C 37 2.11 14.36 18.35
C ARG C 37 3.41 14.81 17.70
N GLU C 38 3.42 15.98 17.06
CA GLU C 38 4.61 16.36 16.31
C GLU C 38 5.70 16.94 17.22
N HIS C 39 5.36 17.20 18.47
CA HIS C 39 6.33 17.68 19.44
C HIS C 39 6.52 16.70 20.59
N ALA C 40 7.75 16.62 21.10
CA ALA C 40 8.07 15.67 22.16
C ALA C 40 9.11 16.26 23.11
N THR C 41 8.88 16.08 24.41
CA THR C 41 9.83 16.51 25.43
C THR C 41 10.86 15.42 25.68
N CYS C 42 12.14 15.79 25.65
CA CYS C 42 13.21 14.83 25.87
C CYS C 42 13.87 15.01 27.24
N PHE C 43 13.91 13.93 28.01
CA PHE C 43 14.64 13.92 29.27
C PHE C 43 15.89 13.06 29.13
N ALA C 44 17.03 13.61 29.55
CA ALA C 44 18.28 12.85 29.51
C ALA C 44 18.97 12.91 30.86
N THR C 45 19.06 11.77 31.53
CA THR C 45 19.73 11.67 32.81
C THR C 45 20.82 10.61 32.76
N LYS C 46 21.37 10.26 33.92
CA LYS C 46 22.56 9.41 33.96
C LYS C 46 22.31 7.96 33.54
N ASN C 47 21.06 7.50 33.63
CA ASN C 47 20.77 6.11 33.28
C ASN C 47 19.95 5.96 31.99
N GLY C 48 19.97 6.98 31.14
CA GLY C 48 19.33 6.86 29.83
C GLY C 48 18.45 8.02 29.42
N ILE C 49 17.84 7.89 28.24
CA ILE C 49 17.00 8.95 27.68
C ILE C 49 15.52 8.58 27.75
N LYS C 50 14.71 9.56 28.15
CA LYS C 50 13.27 9.38 28.26
C LYS C 50 12.54 10.43 27.41
N VAL C 51 11.85 9.96 26.37
CA VAL C 51 11.09 10.86 25.52
C VAL C 51 9.60 10.79 25.87
N THR C 52 8.96 11.96 25.93
CA THR C 52 7.57 12.04 26.37
C THR C 52 6.69 12.81 25.40
N VAL C 53 5.58 12.19 25.00
CA VAL C 53 4.55 12.87 24.24
C VAL C 53 3.24 12.87 25.03
N GLU C 54 2.51 13.97 24.98
CA GLU C 54 1.25 14.09 25.68
C GLU C 54 0.16 14.58 24.73
N ASN C 55 -1.10 14.33 25.09
CA ASN C 55 -2.22 14.73 24.24
C ASN C 55 -3.48 15.04 25.03
N ALA C 56 -3.88 16.30 25.01
CA ALA C 56 -5.12 16.76 25.62
C ALA C 56 -5.24 16.37 27.10
N LYS C 57 -4.08 16.29 27.76
CA LYS C 57 -4.00 16.14 29.21
C LYS C 57 -4.57 14.85 29.78
N CYS C 58 -4.96 13.91 28.93
CA CYS C 58 -5.44 12.63 29.42
C CYS C 58 -4.43 11.54 29.13
N VAL C 59 -3.63 11.74 28.10
CA VAL C 59 -2.71 10.70 27.64
C VAL C 59 -1.26 11.12 27.76
N GLN C 60 -0.42 10.14 28.09
CA GLN C 60 1.02 10.35 28.12
C GLN C 60 1.72 9.07 27.68
N ALA C 61 2.64 9.20 26.73
CA ALA C 61 3.42 8.06 26.28
C ALA C 61 4.90 8.33 26.51
N ASN C 62 5.57 7.39 27.18
CA ASN C 62 6.98 7.53 27.51
C ASN C 62 7.82 6.40 26.95
N ALA C 63 8.84 6.75 26.17
CA ALA C 63 9.78 5.76 25.68
C ALA C 63 11.09 5.85 26.46
N PHE C 64 11.53 4.71 27.00
CA PHE C 64 12.75 4.68 27.80
C PHE C 64 13.85 3.88 27.12
N ILE C 65 14.89 4.57 26.66
CA ILE C 65 16.07 3.90 26.13
C ILE C 65 17.23 4.09 27.10
N GLN C 66 17.51 3.05 27.87
CA GLN C 66 18.53 3.13 28.93
C GLN C 66 19.93 3.35 28.35
N ALA C 67 20.83 3.84 29.19
CA ALA C 67 22.19 4.16 28.77
C ALA C 67 22.95 2.94 28.29
N GLY C 68 22.55 1.76 28.77
CA GLY C 68 23.20 0.52 28.39
C GLY C 68 23.02 0.16 26.93
N ILE C 69 22.02 0.76 26.30
CA ILE C 69 21.77 0.53 24.88
C ILE C 69 22.83 1.21 24.02
N PHE C 70 23.21 2.42 24.43
CA PHE C 70 24.17 3.22 23.68
C PHE C 70 25.59 2.68 23.80
N GLN C 71 26.38 2.82 22.74
CA GLN C 71 27.79 2.44 22.78
C GLN C 71 28.59 3.47 23.56
N GLU C 72 28.08 4.70 23.60
CA GLU C 72 28.61 5.72 24.48
C GLU C 72 27.52 6.70 24.89
N PHE C 73 27.49 7.03 26.17
CA PHE C 73 26.46 7.89 26.73
C PHE C 73 27.02 8.66 27.91
N LYS C 74 26.99 9.98 27.80
CA LYS C 74 27.49 10.84 28.87
C LYS C 74 26.57 12.04 29.08
N VAL C 75 26.20 12.24 30.35
CA VAL C 75 25.56 13.46 30.82
C VAL C 75 26.36 13.93 32.04
N GLN C 76 26.32 15.22 32.38
CA GLN C 76 26.94 15.72 33.62
C GLN C 76 25.97 16.47 34.52
N GLU C 77 25.31 17.49 33.97
CA GLU C 77 24.16 18.06 34.65
C GLU C 77 23.12 16.96 34.72
N GLU C 78 22.76 16.58 35.94
CA GLU C 78 22.05 15.32 36.16
C GLU C 78 20.68 15.30 35.49
N SER C 79 20.24 16.44 35.00
CA SER C 79 18.98 16.53 34.26
C SER C 79 19.04 17.58 33.17
N VAL C 80 19.12 17.12 31.92
CA VAL C 80 19.04 18.02 30.77
C VAL C 80 17.75 17.75 29.98
N THR C 81 16.93 18.78 29.85
CA THR C 81 15.63 18.63 29.21
C THR C 81 15.42 19.62 28.08
N PHE C 82 14.90 19.12 26.96
CA PHE C 82 14.56 19.99 25.82
C PHE C 82 13.39 19.41 25.04
N ARG C 83 12.64 20.29 24.38
CA ARG C 83 11.56 19.86 23.51
C ARG C 83 12.01 19.97 22.05
N ILE C 84 11.65 18.97 21.25
CA ILE C 84 11.99 18.99 19.83
C ILE C 84 10.80 18.61 18.96
N ASN C 85 10.98 18.70 17.65
CA ASN C 85 9.99 18.21 16.71
C ASN C 85 10.23 16.73 16.46
N LEU C 86 9.37 15.88 17.01
CA LEU C 86 9.56 14.44 16.96
C LEU C 86 9.48 13.91 15.54
N THR C 87 8.66 14.53 14.70
CA THR C 87 8.52 14.10 13.31
C THR C 87 9.75 14.46 12.49
N VAL C 88 10.29 15.65 12.71
CA VAL C 88 11.54 16.04 12.07
C VAL C 88 12.67 15.14 12.56
N LEU C 89 12.68 14.88 13.87
CA LEU C 89 13.69 14.00 14.46
C LEU C 89 13.66 12.62 13.82
N LEU C 90 12.46 12.06 13.69
CA LEU C 90 12.31 10.73 13.11
C LEU C 90 12.66 10.70 11.62
N ASP C 91 12.31 11.76 10.90
CA ASP C 91 12.68 11.89 9.50
C ASP C 91 14.19 11.90 9.34
N CYS C 92 14.87 12.60 10.25
CA CYS C 92 16.32 12.69 10.22
C CYS C 92 16.97 11.35 10.59
N LEU C 93 16.45 10.71 11.63
CA LEU C 93 17.00 9.45 12.11
C LEU C 93 16.87 8.34 11.07
N SER C 94 15.91 8.48 10.17
CA SER C 94 15.69 7.49 9.12
C SER C 94 16.03 8.06 7.74
N ILE C 95 17.02 8.94 7.69
CA ILE C 95 17.35 9.65 6.46
C ILE C 95 18.00 8.74 5.42
N PHE C 96 18.48 7.59 5.84
CA PHE C 96 19.16 6.68 4.91
C PHE C 96 18.26 5.51 4.47
N GLY C 97 16.97 5.64 4.72
CA GLY C 97 16.00 4.65 4.26
C GLY C 97 15.44 3.79 5.36
N SER C 98 14.15 3.49 5.27
CA SER C 98 13.47 2.66 6.26
C SER C 98 13.53 1.18 5.89
N SER C 99 14.23 0.87 4.81
CA SER C 99 14.46 -0.52 4.42
C SER C 99 15.94 -0.84 4.17
N PRO C 100 16.78 -0.74 5.21
CA PRO C 100 18.19 -1.15 5.04
C PRO C 100 18.37 -2.66 5.24
N THR C 104 24.72 -3.60 6.64
CA THR C 104 24.17 -2.31 6.23
C THR C 104 23.46 -1.61 7.38
N LEU C 105 24.26 -1.10 8.32
CA LEU C 105 23.72 -0.37 9.46
C LEU C 105 23.85 1.14 9.26
N THR C 106 23.35 1.89 10.22
CA THR C 106 23.48 3.35 10.20
C THR C 106 23.83 3.85 11.59
N ALA C 107 25.07 4.31 11.75
CA ALA C 107 25.56 4.78 13.04
C ALA C 107 24.97 6.15 13.39
N LEU C 108 25.01 6.50 14.66
CA LEU C 108 24.49 7.79 15.13
C LEU C 108 25.38 8.39 16.19
N ARG C 109 25.52 9.71 16.15
CA ARG C 109 26.11 10.45 17.26
C ARG C 109 25.23 11.65 17.58
N MET C 110 24.60 11.60 18.76
CA MET C 110 23.69 12.66 19.17
C MET C 110 24.41 13.64 20.09
N CYS C 111 24.17 14.93 19.88
CA CYS C 111 24.90 15.97 20.59
C CYS C 111 24.05 17.20 20.91
N TYR C 112 23.82 17.43 22.20
CA TYR C 112 23.09 18.59 22.68
C TYR C 112 23.86 19.17 23.86
N GLN C 113 24.19 20.46 23.79
CA GLN C 113 25.08 21.06 24.78
C GLN C 113 24.45 22.12 25.67
N GLY C 114 23.17 22.41 25.47
CA GLY C 114 22.48 23.27 26.42
C GLY C 114 21.38 24.16 25.89
N TYR C 115 20.75 24.85 26.83
CA TYR C 115 19.64 25.76 26.57
C TYR C 115 19.93 26.79 25.49
N GLY C 116 19.06 26.84 24.49
CA GLY C 116 19.14 27.83 23.43
C GLY C 116 19.89 27.30 22.22
N TYR C 117 20.31 26.04 22.30
CA TYR C 117 21.23 25.48 21.32
C TYR C 117 20.65 24.19 20.74
N PRO C 118 20.94 23.90 19.46
CA PRO C 118 20.20 22.85 18.74
C PRO C 118 20.67 21.42 19.01
N LEU C 119 19.80 20.47 18.70
CA LEU C 119 20.14 19.05 18.78
C LEU C 119 20.90 18.62 17.52
N MET C 120 22.12 18.14 17.70
CA MET C 120 22.95 17.75 16.58
C MET C 120 22.87 16.26 16.32
N LEU C 121 22.72 15.89 15.05
CA LEU C 121 22.66 14.48 14.66
C LEU C 121 23.68 14.16 13.58
N PHE C 122 24.54 13.18 13.86
CA PHE C 122 25.53 12.74 12.89
C PHE C 122 25.26 11.29 12.50
N LEU C 123 24.61 11.10 11.36
CA LEU C 123 24.28 9.76 10.89
C LEU C 123 25.21 9.35 9.75
N GLU C 124 25.74 8.13 9.85
CA GLU C 124 26.68 7.62 8.87
C GLU C 124 26.23 6.27 8.31
N GLU C 125 26.40 6.09 7.01
CA GLU C 125 26.15 4.80 6.37
C GLU C 125 27.01 4.65 5.13
N GLY C 126 27.91 3.67 5.15
CA GLY C 126 28.78 3.39 4.00
C GLY C 126 29.71 4.52 3.65
N GLY C 127 30.08 5.32 4.64
CA GLY C 127 30.97 6.45 4.40
C GLY C 127 30.21 7.73 4.08
N VAL C 128 28.93 7.56 3.74
CA VAL C 128 28.06 8.71 3.50
C VAL C 128 27.60 9.28 4.83
N VAL C 129 27.80 10.59 5.02
CA VAL C 129 27.48 11.23 6.28
C VAL C 129 26.41 12.29 6.13
N THR C 130 25.36 12.20 6.94
CA THR C 130 24.32 13.20 6.99
C THR C 130 24.37 13.95 8.32
N VAL C 131 24.37 15.28 8.24
CA VAL C 131 24.48 16.10 9.44
C VAL C 131 23.20 16.92 9.66
N CYS C 132 22.52 16.66 10.77
CA CYS C 132 21.25 17.32 11.06
C CYS C 132 21.35 18.28 12.23
N LYS C 133 20.76 19.46 12.06
CA LYS C 133 20.74 20.47 13.12
C LYS C 133 19.30 20.87 13.44
N ILE C 134 18.77 20.30 14.51
CA ILE C 134 17.37 20.54 14.88
C ILE C 134 17.27 21.51 16.05
N ASN C 135 16.55 22.62 15.84
CA ASN C 135 16.38 23.62 16.89
C ASN C 135 15.47 23.14 18.00
N THR C 136 15.73 23.61 19.21
CA THR C 136 15.01 23.14 20.40
C THR C 136 14.29 24.27 21.12
N GLN C 137 13.12 23.96 21.68
CA GLN C 137 12.36 24.91 22.48
C GLN C 137 12.44 24.52 23.95
N GLU C 138 11.91 25.36 24.83
CA GLU C 138 11.90 25.05 26.25
C GLU C 138 10.61 24.33 26.63
N PRO C 139 10.73 23.17 27.29
CA PRO C 139 9.61 22.31 27.68
C PRO C 139 8.56 23.04 28.51
N THR C 142 4.60 19.67 31.83
CA THR C 142 4.62 18.21 31.73
C THR C 142 3.69 17.58 32.76
N LEU C 143 2.94 16.57 32.34
CA LEU C 143 2.01 15.88 33.22
C LEU C 143 2.70 14.82 34.07
N ASP C 144 2.26 14.68 35.31
CA ASP C 144 2.69 13.58 36.15
C ASP C 144 1.49 12.91 36.80
N PHE C 145 1.13 11.73 36.30
CA PHE C 145 0.06 10.96 36.91
C PHE C 145 0.68 10.10 37.99
N ASP C 146 0.36 10.40 39.24
CA ASP C 146 0.93 9.66 40.36
C ASP C 146 0.46 8.22 40.35
N PHE C 147 0.94 7.45 39.36
CA PHE C 147 0.56 6.06 39.23
C PHE C 147 1.60 5.18 39.91
N CYS C 148 1.29 4.74 41.13
CA CYS C 148 2.21 3.90 41.89
C CYS C 148 1.64 2.49 42.07
N SER C 149 2.52 1.53 42.30
CA SER C 149 2.13 0.14 42.45
C SER C 149 1.38 -0.11 43.76
N THR C 150 1.55 0.79 44.73
CA THR C 150 0.96 0.59 46.05
C THR C 150 -0.55 0.76 46.04
N ASN C 151 -1.08 1.37 44.98
CA ASN C 151 -2.52 1.56 44.86
C ASN C 151 -3.06 1.07 43.52
N VAL C 152 -2.40 0.07 42.95
CA VAL C 152 -2.89 -0.62 41.77
C VAL C 152 -3.91 -1.68 42.18
N ILE C 153 -5.09 -1.65 41.58
CA ILE C 153 -6.14 -2.59 41.92
C ILE C 153 -6.08 -3.85 41.08
N ASN C 154 -6.09 -3.69 39.76
CA ASN C 154 -6.05 -4.83 38.85
C ASN C 154 -4.81 -4.81 37.96
N LYS C 155 -4.20 -5.98 37.79
CA LYS C 155 -3.03 -6.11 36.93
C LYS C 155 -3.08 -7.38 36.10
N ILE C 156 -2.79 -7.24 34.81
CA ILE C 156 -2.75 -8.37 33.90
C ILE C 156 -1.53 -8.29 33.00
N ILE C 157 -0.79 -9.39 32.89
CA ILE C 157 0.33 -9.47 31.96
C ILE C 157 -0.01 -10.44 30.83
N LEU C 158 0.09 -9.95 29.60
CA LEU C 158 -0.31 -10.73 28.44
C LEU C 158 0.81 -10.88 27.41
N GLN C 159 0.82 -12.01 26.72
CA GLN C 159 1.71 -12.20 25.59
C GLN C 159 1.25 -11.32 24.45
N SER C 160 2.09 -10.37 24.04
CA SER C 160 1.69 -9.36 23.06
C SER C 160 1.29 -9.91 21.69
N GLU C 161 2.04 -10.89 21.17
CA GLU C 161 1.85 -11.34 19.79
C GLU C 161 0.42 -11.78 19.56
N GLY C 162 -0.06 -12.68 20.41
CA GLY C 162 -1.42 -13.19 20.30
C GLY C 162 -2.51 -12.17 20.49
N LEU C 163 -2.14 -10.90 20.54
CA LEU C 163 -3.14 -9.87 20.84
C LEU C 163 -3.15 -8.76 19.79
N ARG C 164 -2.05 -8.60 19.05
CA ARG C 164 -1.95 -7.58 17.99
C ARG C 164 -3.12 -7.61 17.01
N GLU C 165 -3.36 -8.77 16.40
CA GLU C 165 -4.42 -8.97 15.39
C GLU C 165 -5.70 -8.22 15.76
N ALA C 166 -6.03 -8.28 17.04
CA ALA C 166 -7.33 -7.86 17.52
C ALA C 166 -7.49 -6.36 17.68
N PHE C 167 -6.50 -5.70 18.28
CA PHE C 167 -6.64 -4.28 18.64
C PHE C 167 -6.28 -3.34 17.50
N SER C 168 -5.65 -3.87 16.45
CA SER C 168 -5.53 -3.14 15.20
C SER C 168 -6.85 -3.29 14.44
N GLU C 169 -7.73 -4.09 15.01
CA GLU C 169 -9.02 -4.43 14.40
C GLU C 169 -10.18 -3.91 15.25
N LEU C 170 -9.89 -3.25 16.36
CA LEU C 170 -10.95 -2.72 17.22
C LEU C 170 -11.70 -1.58 16.55
N ASP C 171 -13.02 -1.58 16.69
CA ASP C 171 -13.89 -0.59 16.06
C ASP C 171 -13.47 0.83 16.43
N MET C 172 -13.24 1.65 15.41
CA MET C 172 -12.79 3.02 15.62
C MET C 172 -13.93 4.03 15.47
N THR C 173 -15.08 3.56 15.00
CA THR C 173 -16.26 4.41 14.90
C THR C 173 -16.83 4.67 16.30
N SER C 174 -16.48 3.78 17.23
CA SER C 174 -16.83 3.97 18.63
C SER C 174 -16.02 5.13 19.19
N GLU C 175 -16.56 5.80 20.21
CA GLU C 175 -15.84 6.91 20.83
C GLU C 175 -15.03 6.43 22.03
N VAL C 176 -15.50 5.36 22.67
CA VAL C 176 -14.85 4.84 23.86
C VAL C 176 -14.33 3.41 23.69
N LEU C 177 -13.27 3.10 24.43
CA LEU C 177 -12.85 1.72 24.64
C LEU C 177 -13.11 1.36 26.09
N GLN C 178 -13.99 0.41 26.32
CA GLN C 178 -14.36 0.01 27.67
C GLN C 178 -13.60 -1.24 28.09
N ILE C 179 -12.81 -1.12 29.15
CA ILE C 179 -12.02 -2.23 29.66
C ILE C 179 -12.63 -2.80 30.94
N THR C 180 -13.00 -4.07 30.89
CA THR C 180 -13.52 -4.75 32.09
C THR C 180 -12.48 -5.70 32.64
N MET C 181 -12.18 -5.55 33.92
CA MET C 181 -11.27 -6.47 34.60
C MET C 181 -11.95 -6.99 35.86
N SER C 182 -11.89 -8.29 36.06
CA SER C 182 -12.65 -8.93 37.14
C SER C 182 -12.08 -10.29 37.51
N PRO C 183 -12.23 -10.67 38.80
CA PRO C 183 -11.88 -12.02 39.24
C PRO C 183 -12.85 -13.07 38.69
N ASP C 184 -14.00 -12.61 38.20
CA ASP C 184 -15.01 -13.51 37.65
C ASP C 184 -15.15 -13.31 36.15
N LYS C 185 -15.99 -14.14 35.52
CA LYS C 185 -16.30 -14.01 34.10
C LYS C 185 -16.74 -12.59 33.77
N PRO C 186 -16.29 -12.04 32.64
CA PRO C 186 -15.44 -12.65 31.60
C PRO C 186 -13.94 -12.43 31.82
N TYR C 187 -13.54 -12.15 33.07
CA TYR C 187 -12.13 -12.00 33.45
C TYR C 187 -11.47 -10.76 32.85
N PHE C 188 -11.27 -10.75 31.54
CA PHE C 188 -10.70 -9.58 30.88
C PHE C 188 -11.41 -9.30 29.56
N ARG C 189 -12.00 -8.11 29.44
CA ARG C 189 -12.81 -7.78 28.28
C ARG C 189 -12.59 -6.37 27.74
N LEU C 190 -12.35 -6.29 26.43
CA LEU C 190 -12.32 -5.01 25.73
C LEU C 190 -13.61 -4.85 24.92
N SER C 191 -14.31 -3.75 25.14
CA SER C 191 -15.58 -3.53 24.47
C SER C 191 -15.62 -2.21 23.71
N THR C 192 -16.19 -2.24 22.51
CA THR C 192 -16.40 -1.03 21.72
C THR C 192 -17.88 -0.88 21.39
N PHE C 193 -18.30 0.35 21.09
CA PHE C 193 -19.68 0.62 20.75
C PHE C 193 -19.80 1.55 19.56
N GLY C 194 -19.66 0.99 18.36
CA GLY C 194 -19.84 1.75 17.14
C GLY C 194 -21.31 1.84 16.80
N ASN C 195 -21.63 2.43 15.65
CA ASN C 195 -23.02 2.56 15.25
C ASN C 195 -23.57 1.22 14.75
N ALA C 196 -24.69 0.80 15.33
CA ALA C 196 -25.30 -0.50 15.04
C ALA C 196 -24.33 -1.65 15.28
N GLY C 197 -23.51 -1.52 16.31
CA GLY C 197 -22.52 -2.54 16.60
C GLY C 197 -21.94 -2.52 18.00
N SER C 198 -22.38 -3.47 18.82
CA SER C 198 -21.74 -3.73 20.11
C SER C 198 -20.72 -4.85 19.91
N SER C 199 -19.46 -4.57 20.25
CA SER C 199 -18.39 -5.53 20.00
C SER C 199 -17.57 -5.82 21.26
N HIS C 200 -17.45 -7.12 21.60
CA HIS C 200 -16.74 -7.53 22.80
C HIS C 200 -15.55 -8.43 22.48
N LEU C 201 -14.46 -8.22 23.23
CA LEU C 201 -13.27 -9.05 23.09
C LEU C 201 -12.90 -9.63 24.45
N ASP C 202 -13.05 -10.94 24.60
CA ASP C 202 -12.89 -11.58 25.90
C ASP C 202 -11.68 -12.48 25.99
N TYR C 203 -10.93 -12.33 27.10
CA TYR C 203 -9.79 -13.18 27.40
C TYR C 203 -9.97 -13.86 28.75
N PRO C 204 -10.04 -15.19 28.76
CA PRO C 204 -10.16 -15.92 30.02
C PRO C 204 -8.81 -15.98 30.75
N LYS C 205 -8.83 -15.95 32.08
CA LYS C 205 -7.59 -15.99 32.86
C LYS C 205 -6.89 -17.34 32.70
N ASP C 206 -7.62 -18.32 32.22
CA ASP C 206 -7.11 -19.65 31.92
C ASP C 206 -6.12 -19.60 30.75
N SER C 207 -6.32 -18.64 29.85
CA SER C 207 -5.63 -18.59 28.56
C SER C 207 -4.10 -18.69 28.63
N ASP C 208 -3.52 -19.22 27.55
CA ASP C 208 -2.08 -19.32 27.42
C ASP C 208 -1.46 -17.96 27.08
N LEU C 209 -2.32 -16.97 26.87
CA LEU C 209 -1.87 -15.61 26.62
C LEU C 209 -1.73 -14.88 27.96
N MET C 210 -2.42 -15.39 28.97
CA MET C 210 -2.33 -14.86 30.33
C MET C 210 -1.06 -15.36 31.01
N GLU C 211 -0.08 -14.48 31.15
CA GLU C 211 1.16 -14.84 31.85
C GLU C 211 1.03 -14.51 33.33
N ALA C 212 0.09 -13.63 33.64
CA ALA C 212 -0.19 -13.25 35.02
C ALA C 212 -1.59 -12.64 35.12
N PHE C 213 -2.38 -13.12 36.07
CA PHE C 213 -3.71 -12.59 36.28
C PHE C 213 -3.92 -12.22 37.74
N HIS C 214 -3.97 -10.93 38.02
CA HIS C 214 -4.10 -10.44 39.39
C HIS C 214 -5.19 -9.39 39.50
N CYS C 215 -6.42 -9.80 39.25
CA CYS C 215 -7.56 -8.89 39.35
C CYS C 215 -8.34 -9.16 40.64
N ASN C 216 -8.21 -8.22 41.59
CA ASN C 216 -8.84 -8.38 42.90
C ASN C 216 -10.26 -7.83 42.94
N GLN C 217 -10.54 -6.85 42.08
CA GLN C 217 -11.81 -6.15 42.12
C GLN C 217 -12.38 -5.91 40.73
N THR C 218 -13.69 -6.16 40.58
CA THR C 218 -14.37 -5.90 39.31
C THR C 218 -14.40 -4.41 39.03
N GLN C 219 -13.73 -4.00 37.95
CA GLN C 219 -13.69 -2.60 37.56
C GLN C 219 -13.97 -2.44 36.08
N VAL C 220 -14.84 -1.48 35.75
CA VAL C 220 -15.21 -1.21 34.36
C VAL C 220 -14.92 0.25 34.01
N ASN C 221 -13.84 0.47 33.27
CA ASN C 221 -13.44 1.82 32.90
C ASN C 221 -13.61 2.12 31.42
N ARG C 222 -13.83 3.38 31.10
CA ARG C 222 -13.98 3.82 29.71
C ARG C 222 -12.90 4.83 29.34
N TYR C 223 -12.30 4.63 28.18
CA TYR C 223 -11.25 5.52 27.69
C TYR C 223 -11.53 5.91 26.25
N LYS C 224 -11.24 7.16 25.90
CA LYS C 224 -11.44 7.62 24.53
C LYS C 224 -10.50 6.89 23.58
N ILE C 225 -11.09 6.28 22.55
CA ILE C 225 -10.36 5.39 21.66
C ILE C 225 -9.29 6.11 20.83
N SER C 226 -9.53 7.38 20.53
CA SER C 226 -8.59 8.18 19.75
C SER C 226 -7.32 8.41 20.55
N LEU C 227 -7.45 8.30 21.87
CA LEU C 227 -6.37 8.55 22.78
C LEU C 227 -5.51 7.30 23.01
N LEU C 228 -6.13 6.12 22.86
CA LEU C 228 -5.44 4.86 23.11
C LEU C 228 -4.97 4.16 21.83
N LYS C 229 -5.50 4.59 20.69
CA LYS C 229 -5.17 3.96 19.40
C LYS C 229 -3.66 3.92 19.07
N PRO C 230 -2.92 5.03 19.29
CA PRO C 230 -1.50 4.95 18.93
C PRO C 230 -0.69 3.93 19.74
N SER C 231 -1.25 3.42 20.82
CA SER C 231 -0.56 2.42 21.63
C SER C 231 -0.38 1.11 20.87
N THR C 232 -1.16 0.94 19.81
CA THR C 232 -1.07 -0.24 18.95
C THR C 232 0.33 -0.39 18.38
N LYS C 233 0.95 0.75 18.04
CA LYS C 233 2.32 0.76 17.54
C LYS C 233 3.29 0.10 18.53
N ALA C 234 3.14 0.45 19.80
CA ALA C 234 3.97 -0.13 20.85
C ALA C 234 3.69 -1.61 21.00
N LEU C 235 2.41 -1.98 20.94
CA LEU C 235 1.98 -3.37 21.08
C LEU C 235 2.59 -4.26 20.02
N VAL C 236 2.64 -3.76 18.79
CA VAL C 236 3.19 -4.51 17.67
C VAL C 236 4.68 -4.79 17.88
N LEU C 237 5.38 -3.83 18.46
CA LEU C 237 6.81 -3.97 18.72
C LEU C 237 7.09 -4.84 19.95
N SER C 238 6.14 -4.86 20.88
CA SER C 238 6.33 -5.55 22.16
C SER C 238 6.20 -7.06 22.04
N CYS C 239 6.73 -7.76 23.04
CA CYS C 239 6.56 -9.21 23.15
C CYS C 239 5.67 -9.54 24.34
N LYS C 240 5.64 -8.63 25.32
CA LYS C 240 4.75 -8.75 26.46
C LYS C 240 4.14 -7.39 26.79
N VAL C 241 2.93 -7.39 27.33
CA VAL C 241 2.26 -6.15 27.68
C VAL C 241 1.64 -6.23 29.07
N SER C 242 1.83 -5.18 29.87
CA SER C 242 1.28 -5.11 31.21
C SER C 242 0.12 -4.11 31.26
N ILE C 243 -1.00 -4.53 31.82
CA ILE C 243 -2.18 -3.67 31.91
C ILE C 243 -2.62 -3.49 33.36
N ARG C 244 -2.63 -2.25 33.83
CA ARG C 244 -2.95 -1.97 35.22
C ARG C 244 -3.91 -0.80 35.39
N THR C 245 -4.81 -0.92 36.36
CA THR C 245 -5.71 0.17 36.74
C THR C 245 -5.63 0.42 38.23
N ASP C 246 -5.92 1.65 38.65
CA ASP C 246 -5.86 2.00 40.07
C ASP C 246 -7.23 2.43 40.59
N ASN C 247 -7.25 2.95 41.81
CA ASN C 247 -8.48 3.40 42.45
C ASN C 247 -9.21 4.47 41.64
N ARG C 248 -8.45 5.38 41.05
CA ARG C 248 -9.01 6.47 40.26
C ARG C 248 -9.64 5.95 38.97
N GLY C 249 -9.09 4.85 38.45
CA GLY C 249 -9.54 4.29 37.20
C GLY C 249 -8.55 4.59 36.09
N PHE C 250 -7.40 5.14 36.47
CA PHE C 250 -6.35 5.48 35.52
C PHE C 250 -5.70 4.22 34.94
N LEU C 251 -5.42 4.27 33.65
CA LEU C 251 -4.87 3.12 32.94
C LEU C 251 -3.37 3.22 32.74
N SER C 252 -2.67 2.11 32.92
CA SER C 252 -1.25 2.05 32.65
C SER C 252 -0.93 0.86 31.76
N LEU C 253 -0.42 1.14 30.56
CA LEU C 253 -0.02 0.09 29.63
C LEU C 253 1.49 0.11 29.48
N GLN C 254 2.13 -1.01 29.81
CA GLN C 254 3.58 -1.12 29.70
C GLN C 254 3.97 -2.16 28.67
N TYR C 255 4.80 -1.76 27.73
CA TYR C 255 5.20 -2.65 26.63
C TYR C 255 6.67 -3.01 26.72
N MET C 256 6.94 -4.28 26.95
CA MET C 256 8.30 -4.80 27.00
C MET C 256 8.80 -5.07 25.59
N ILE C 257 9.71 -4.23 25.11
CA ILE C 257 10.18 -4.31 23.74
C ILE C 257 11.62 -4.80 23.63
N ARG C 258 11.82 -5.82 22.80
CA ARG C 258 13.15 -6.36 22.55
C ARG C 258 13.69 -5.82 21.22
N ASN C 259 14.76 -5.03 21.28
CA ASN C 259 15.33 -4.46 20.07
C ASN C 259 16.13 -5.48 19.27
N GLU C 260 16.78 -5.01 18.21
CA GLU C 260 17.51 -5.89 17.32
C GLU C 260 18.77 -6.47 17.96
N ASP C 261 19.22 -5.85 19.05
CA ASP C 261 20.36 -6.34 19.80
C ASP C 261 19.94 -7.19 20.99
N GLY C 262 18.68 -7.63 20.98
CA GLY C 262 18.17 -8.50 22.02
C GLY C 262 17.91 -7.81 23.35
N GLN C 263 18.27 -6.54 23.45
CA GLN C 263 18.10 -5.79 24.68
C GLN C 263 16.64 -5.41 24.89
N ILE C 264 16.27 -5.19 26.15
CA ILE C 264 14.89 -4.88 26.50
C ILE C 264 14.68 -3.41 26.83
N CYS C 265 13.79 -2.77 26.08
CA CYS C 265 13.40 -1.40 26.34
C CYS C 265 11.93 -1.34 26.72
N PHE C 266 11.45 -0.17 27.14
CA PHE C 266 10.08 -0.06 27.62
C PHE C 266 9.35 1.16 27.12
N VAL C 267 8.08 0.97 26.77
CA VAL C 267 7.18 2.07 26.42
C VAL C 267 6.00 2.07 27.39
N GLU C 268 5.69 3.24 27.93
CA GLU C 268 4.57 3.37 28.86
C GLU C 268 3.45 4.22 28.27
N TYR C 269 2.21 3.80 28.53
CA TYR C 269 1.05 4.60 28.18
C TYR C 269 0.16 4.81 29.40
N TYR C 270 -0.07 6.07 29.74
CA TYR C 270 -1.02 6.42 30.78
C TYR C 270 -2.23 7.08 30.15
N CYS C 271 -3.41 6.84 30.71
CA CYS C 271 -4.62 7.46 30.19
C CYS C 271 -5.68 7.66 31.28
N CYS C 272 -6.28 8.84 31.27
CA CYS C 272 -7.37 9.16 32.19
C CYS C 272 -8.66 8.50 31.74
N PRO C 273 -9.59 8.26 32.67
CA PRO C 273 -10.90 7.71 32.33
C PRO C 273 -11.81 8.75 31.65
N ASP C 274 -13.03 8.35 31.32
CA ASP C 274 -13.96 9.25 30.64
C ASP C 274 -14.96 9.87 31.61
N SER D 11 11.72 10.66 36.45
CA SER D 11 11.99 9.33 36.98
C SER D 11 12.03 8.29 35.85
N TRP D 12 12.76 7.21 36.08
CA TRP D 12 12.85 6.13 35.11
C TRP D 12 11.61 5.23 35.22
N VAL D 13 11.60 4.15 34.45
CA VAL D 13 10.45 3.26 34.40
C VAL D 13 10.51 2.20 35.50
N SER D 14 9.36 1.86 36.07
CA SER D 14 9.26 0.75 37.02
C SER D 14 8.47 -0.39 36.37
N PRO D 15 9.17 -1.26 35.62
CA PRO D 15 8.54 -2.35 34.87
C PRO D 15 7.90 -3.40 35.76
N ASP D 16 6.60 -3.61 35.60
CA ASP D 16 5.88 -4.61 36.37
C ASP D 16 5.62 -5.87 35.53
N PHE D 17 6.69 -6.63 35.28
CA PHE D 17 6.59 -7.82 34.43
C PHE D 17 7.02 -9.09 35.16
N ASP D 18 7.34 -8.97 36.44
CA ASP D 18 7.81 -10.10 37.23
C ASP D 18 6.69 -11.10 37.51
N THR D 19 6.96 -12.38 37.26
CA THR D 19 5.96 -13.44 37.47
C THR D 19 6.54 -14.68 38.15
N ALA D 20 6.01 -15.84 37.77
CA ALA D 20 6.42 -17.13 38.32
C ALA D 20 6.26 -17.19 39.84
#